data_3TB2
#
_entry.id   3TB2
#
_cell.length_a   90.390
_cell.length_b   156.842
_cell.length_c   178.075
_cell.angle_alpha   90.00
_cell.angle_beta   90.00
_cell.angle_gamma   90.00
#
_symmetry.space_group_name_H-M   'C 2 2 21'
#
loop_
_entity.id
_entity.type
_entity.pdbx_description
1 polymer '1-Cys peroxiredoxin'
2 non-polymer 'SULFATE ION'
3 non-polymer GLYCEROL
4 non-polymer 1,2-ETHANEDIOL
5 water water
#
_entity_poly.entity_id   1
_entity_poly.type   'polypeptide(L)'
_entity_poly.pdbx_seq_one_letter_code
;MGYHLGATFPNFTAKASGIDGDFELYKYIENSWAILFSHPNDFTPV(CSD)TTELAELGKMHEDFLKLNCKLIGFSCNSK
ESHDKWIEDIKYYGKLNKWEIPIVCDESRELANKLKIMDEQEKDITGLPLTCRCLFFISPEKKIKATVLYPATTGRNAHE
ILRVLKSLQLTYTTPVATPVNWNEGDKCCVIPTLQDDEISKHFKNEITKVEMPSKKKYLRFVNL
;
_entity_poly.pdbx_strand_id   A,B,C,D
#
loop_
_chem_comp.id
_chem_comp.type
_chem_comp.name
_chem_comp.formula
EDO non-polymer 1,2-ETHANEDIOL 'C2 H6 O2'
GOL non-polymer GLYCEROL 'C3 H8 O3'
SO4 non-polymer 'SULFATE ION' 'O4 S -2'
#
# COMPACT_ATOMS: atom_id res chain seq x y z
N GLY A 2 -11.20 -0.19 21.64
CA GLY A 2 -12.06 -0.26 22.80
C GLY A 2 -13.08 -1.38 22.76
N TYR A 3 -12.66 -2.56 22.21
CA TYR A 3 -13.49 -3.77 22.08
C TYR A 3 -13.08 -4.83 23.10
N HIS A 4 -13.62 -4.68 24.32
CA HIS A 4 -13.34 -5.54 25.45
C HIS A 4 -14.37 -6.61 25.74
N LEU A 5 -14.16 -7.41 26.80
CA LEU A 5 -15.01 -8.57 27.07
C LEU A 5 -16.48 -8.26 27.30
N GLY A 6 -17.33 -8.91 26.52
CA GLY A 6 -18.77 -8.71 26.60
C GLY A 6 -19.32 -7.69 25.64
N ALA A 7 -18.44 -6.83 25.05
CA ALA A 7 -18.84 -5.84 24.05
C ALA A 7 -19.27 -6.54 22.78
N THR A 8 -20.13 -5.85 22.00
CA THR A 8 -20.64 -6.33 20.74
C THR A 8 -19.57 -6.09 19.68
N PHE A 9 -19.23 -7.13 18.91
CA PHE A 9 -18.24 -7.02 17.85
C PHE A 9 -18.95 -6.30 16.69
N PRO A 10 -18.38 -5.20 16.15
CA PRO A 10 -19.10 -4.46 15.09
C PRO A 10 -19.16 -5.17 13.75
N ASN A 11 -20.25 -4.92 13.02
CA ASN A 11 -20.41 -5.44 11.66
C ASN A 11 -19.50 -4.60 10.77
N PHE A 12 -19.06 -5.19 9.66
CA PHE A 12 -18.25 -4.50 8.66
C PHE A 12 -18.47 -5.14 7.31
N THR A 13 -18.15 -4.40 6.26
CA THR A 13 -18.21 -4.86 4.88
C THR A 13 -16.81 -4.62 4.35
N ALA A 14 -16.25 -5.61 3.66
CA ALA A 14 -14.90 -5.53 3.13
C ALA A 14 -14.72 -6.48 1.96
N LYS A 15 -13.60 -6.33 1.25
CA LYS A 15 -13.23 -7.25 0.19
C LYS A 15 -12.59 -8.45 0.89
N ALA A 16 -12.64 -9.63 0.27
CA ALA A 16 -12.07 -10.84 0.85
C ALA A 16 -11.56 -11.79 -0.23
N SER A 17 -10.68 -12.71 0.16
CA SER A 17 -10.14 -13.71 -0.74
C SER A 17 -11.23 -14.72 -1.17
N GLY A 18 -11.08 -15.29 -2.38
CA GLY A 18 -11.95 -16.33 -2.89
C GLY A 18 -13.32 -15.95 -3.42
N ILE A 19 -13.81 -14.75 -3.04
CA ILE A 19 -15.09 -14.18 -3.50
C ILE A 19 -14.87 -12.86 -4.22
N ASP A 20 -15.67 -12.59 -5.26
CA ASP A 20 -15.56 -11.37 -6.05
C ASP A 20 -16.49 -10.25 -5.56
N GLY A 21 -17.44 -10.60 -4.70
CA GLY A 21 -18.36 -9.64 -4.09
C GLY A 21 -17.91 -9.20 -2.71
N ASP A 22 -18.68 -8.29 -2.10
CA ASP A 22 -18.43 -7.77 -0.75
C ASP A 22 -18.67 -8.84 0.30
N PHE A 23 -17.79 -8.91 1.29
CA PHE A 23 -17.95 -9.83 2.43
C PHE A 23 -18.57 -8.99 3.54
N GLU A 24 -19.72 -9.40 4.04
CA GLU A 24 -20.37 -8.74 5.16
C GLU A 24 -20.29 -9.68 6.36
N LEU A 25 -19.64 -9.23 7.45
CA LEU A 25 -19.45 -10.05 8.65
C LEU A 25 -20.71 -10.69 9.23
N TYR A 26 -21.74 -9.89 9.57
CA TYR A 26 -22.97 -10.43 10.20
C TYR A 26 -23.68 -11.50 9.38
N LYS A 27 -23.67 -11.35 8.05
CA LYS A 27 -24.27 -12.34 7.14
C LYS A 27 -23.51 -13.65 7.18
N TYR A 28 -22.17 -13.60 7.19
CA TYR A 28 -21.34 -14.81 7.23
C TYR A 28 -21.41 -15.55 8.56
N ILE A 29 -21.55 -14.82 9.69
CA ILE A 29 -21.53 -15.41 11.05
C ILE A 29 -22.91 -15.52 11.75
N GLU A 30 -24.01 -15.39 10.98
CA GLU A 30 -25.37 -15.49 11.52
C GLU A 30 -25.62 -16.87 12.13
N ASN A 31 -26.08 -16.91 13.41
CA ASN A 31 -26.36 -18.13 14.20
C ASN A 31 -25.12 -19.01 14.36
N SER A 32 -23.94 -18.37 14.43
CA SER A 32 -22.68 -19.09 14.52
C SER A 32 -21.71 -18.45 15.46
N TRP A 33 -20.85 -19.29 16.04
CA TRP A 33 -19.70 -18.87 16.81
C TRP A 33 -18.70 -18.41 15.72
N ALA A 34 -17.83 -17.46 16.04
CA ALA A 34 -16.86 -17.04 15.03
C ALA A 34 -15.55 -16.71 15.68
N ILE A 35 -14.43 -16.96 14.95
CA ILE A 35 -13.10 -16.56 15.39
C ILE A 35 -12.51 -15.69 14.29
N LEU A 36 -12.30 -14.39 14.57
CA LEU A 36 -11.69 -13.39 13.69
C LEU A 36 -10.21 -13.35 14.10
N PHE A 37 -9.29 -13.67 13.17
CA PHE A 37 -7.86 -13.71 13.43
C PHE A 37 -7.10 -12.89 12.41
N SER A 38 -6.16 -12.07 12.85
CA SER A 38 -5.38 -11.27 11.93
C SER A 38 -3.94 -11.79 11.87
N HIS A 39 -3.24 -11.40 10.81
CA HIS A 39 -1.82 -11.69 10.63
C HIS A 39 -1.18 -10.44 10.03
N PRO A 40 0.11 -10.14 10.32
CA PRO A 40 0.71 -8.92 9.77
C PRO A 40 0.78 -8.79 8.26
N ASN A 41 1.43 -9.74 7.59
CA ASN A 41 1.64 -9.64 6.15
C ASN A 41 1.54 -10.96 5.41
N ASP A 42 0.98 -10.90 4.19
CA ASP A 42 0.95 -12.04 3.28
C ASP A 42 2.39 -12.28 2.84
N PHE A 43 2.70 -13.53 2.41
CA PHE A 43 4.03 -13.91 1.93
C PHE A 43 5.13 -13.78 2.96
N THR A 44 4.82 -14.09 4.23
CA THR A 44 5.82 -14.03 5.30
C THR A 44 5.82 -15.39 6.01
N PRO A 45 6.95 -15.84 6.62
CA PRO A 45 7.02 -17.25 7.08
C PRO A 45 6.10 -17.73 8.20
N VAL A 46 6.02 -16.99 9.34
CA VAL A 46 5.21 -17.36 10.50
C VAL A 46 3.73 -17.41 10.11
N CSD A 47 3.28 -16.38 9.37
CA CSD A 47 1.90 -16.24 8.87
CB CSD A 47 1.84 -15.02 7.90
SG CSD A 47 2.29 -13.45 8.69
C CSD A 47 1.53 -17.44 8.00
O CSD A 47 0.40 -17.89 8.10
OD1 CSD A 47 1.56 -13.52 9.85
OD2 CSD A 47 3.75 -13.68 9.36
N THR A 48 2.47 -17.95 7.17
CA THR A 48 2.22 -19.11 6.29
C THR A 48 2.01 -20.37 7.15
N THR A 49 2.84 -20.58 8.19
CA THR A 49 2.70 -21.73 9.07
C THR A 49 1.37 -21.69 9.83
N GLU A 50 0.94 -20.50 10.34
CA GLU A 50 -0.32 -20.36 11.08
C GLU A 50 -1.52 -20.69 10.21
N LEU A 51 -1.59 -20.06 9.04
CA LEU A 51 -2.67 -20.25 8.09
C LEU A 51 -2.75 -21.66 7.47
N ALA A 52 -1.61 -22.33 7.22
CA ALA A 52 -1.61 -23.73 6.76
C ALA A 52 -2.23 -24.61 7.88
N GLU A 53 -1.86 -24.34 9.15
CA GLU A 53 -2.39 -25.06 10.33
C GLU A 53 -3.89 -24.89 10.52
N LEU A 54 -4.39 -23.64 10.47
CA LEU A 54 -5.82 -23.33 10.57
C LEU A 54 -6.62 -23.92 9.41
N GLY A 55 -6.01 -23.98 8.22
CA GLY A 55 -6.56 -24.61 7.03
C GLY A 55 -6.75 -26.10 7.25
N LYS A 56 -5.74 -26.77 7.81
CA LYS A 56 -5.81 -28.19 8.18
C LYS A 56 -6.90 -28.44 9.24
N MET A 57 -7.05 -27.52 10.21
CA MET A 57 -8.02 -27.64 11.33
C MET A 57 -9.43 -27.11 10.98
N HIS A 58 -9.64 -26.60 9.76
CA HIS A 58 -10.91 -25.98 9.36
C HIS A 58 -12.18 -26.81 9.62
N GLU A 59 -12.14 -28.12 9.36
CA GLU A 59 -13.26 -29.04 9.60
C GLU A 59 -13.52 -29.21 11.12
N ASP A 60 -12.46 -29.17 11.98
CA ASP A 60 -12.63 -29.23 13.45
C ASP A 60 -13.46 -28.05 13.94
N PHE A 61 -13.27 -26.87 13.33
CA PHE A 61 -14.00 -25.67 13.69
C PHE A 61 -15.43 -25.66 13.13
N LEU A 62 -15.59 -26.08 11.88
CA LEU A 62 -16.90 -26.10 11.23
C LEU A 62 -17.87 -27.07 11.87
N LYS A 63 -17.36 -28.21 12.36
CA LYS A 63 -18.12 -29.25 13.08
C LYS A 63 -18.69 -28.70 14.39
N LEU A 64 -18.05 -27.65 14.96
CA LEU A 64 -18.47 -27.00 16.21
C LEU A 64 -19.29 -25.76 15.94
N ASN A 65 -19.73 -25.58 14.67
CA ASN A 65 -20.55 -24.45 14.23
C ASN A 65 -19.79 -23.13 14.46
N CYS A 66 -18.47 -23.14 14.13
CA CYS A 66 -17.61 -21.98 14.30
C CYS A 66 -16.92 -21.58 13.02
N LYS A 67 -17.19 -20.35 12.57
CA LYS A 67 -16.58 -19.81 11.36
C LYS A 67 -15.21 -19.24 11.70
N LEU A 68 -14.24 -19.38 10.78
CA LEU A 68 -12.90 -18.81 10.94
C LEU A 68 -12.82 -17.70 9.91
N ILE A 69 -12.43 -16.48 10.33
CA ILE A 69 -12.32 -15.35 9.42
C ILE A 69 -10.93 -14.75 9.57
N GLY A 70 -10.17 -14.74 8.47
CA GLY A 70 -8.83 -14.17 8.40
C GLY A 70 -8.90 -12.69 8.15
N PHE A 71 -7.76 -11.98 8.29
CA PHE A 71 -7.70 -10.52 8.18
C PHE A 71 -6.25 -10.05 8.10
N SER A 72 -5.97 -9.15 7.15
CA SER A 72 -4.71 -8.43 7.03
C SER A 72 -4.91 -7.14 6.22
N CYS A 73 -3.93 -6.22 6.28
CA CYS A 73 -3.98 -4.96 5.54
C CYS A 73 -3.51 -5.12 4.07
N ASN A 74 -3.49 -6.36 3.54
CA ASN A 74 -3.10 -6.67 2.17
C ASN A 74 -4.30 -6.64 1.23
N SER A 75 -4.04 -6.50 -0.11
CA SER A 75 -5.12 -6.53 -1.11
C SER A 75 -5.65 -7.96 -1.30
N LYS A 76 -6.76 -8.08 -2.03
CA LYS A 76 -7.38 -9.36 -2.38
C LYS A 76 -6.44 -10.21 -3.28
N GLU A 77 -5.80 -9.53 -4.22
CA GLU A 77 -4.89 -10.11 -5.22
C GLU A 77 -3.68 -10.73 -4.53
N SER A 78 -3.22 -10.07 -3.46
CA SER A 78 -2.14 -10.56 -2.63
C SER A 78 -2.62 -11.85 -1.91
N HIS A 79 -3.84 -11.81 -1.31
CA HIS A 79 -4.44 -12.93 -0.59
C HIS A 79 -4.56 -14.16 -1.46
N ASP A 80 -5.23 -14.02 -2.63
CA ASP A 80 -5.47 -15.11 -3.59
C ASP A 80 -4.20 -15.78 -4.05
N LYS A 81 -3.14 -15.02 -4.31
CA LYS A 81 -1.87 -15.58 -4.74
C LYS A 81 -1.18 -16.30 -3.58
N TRP A 82 -1.15 -15.66 -2.39
CA TRP A 82 -0.54 -16.23 -1.18
C TRP A 82 -1.24 -17.49 -0.69
N ILE A 83 -2.56 -17.60 -0.91
CA ILE A 83 -3.32 -18.81 -0.58
C ILE A 83 -2.68 -20.06 -1.23
N GLU A 84 -2.15 -19.91 -2.47
CA GLU A 84 -1.49 -21.01 -3.19
C GLU A 84 -0.20 -21.44 -2.52
N ASP A 85 0.50 -20.51 -1.85
CA ASP A 85 1.72 -20.81 -1.08
C ASP A 85 1.31 -21.53 0.20
N ILE A 86 0.21 -21.07 0.85
CA ILE A 86 -0.31 -21.68 2.07
C ILE A 86 -0.71 -23.14 1.79
N LYS A 87 -1.43 -23.36 0.66
CA LYS A 87 -1.91 -24.69 0.25
C LYS A 87 -0.74 -25.62 -0.01
N TYR A 88 0.32 -25.12 -0.67
CA TYR A 88 1.53 -25.88 -0.93
C TYR A 88 2.22 -26.30 0.35
N TYR A 89 2.45 -25.33 1.27
CA TYR A 89 3.08 -25.57 2.56
C TYR A 89 2.27 -26.56 3.43
N GLY A 90 0.96 -26.38 3.47
CA GLY A 90 0.07 -27.23 4.26
C GLY A 90 -0.38 -28.53 3.60
N LYS A 91 -0.04 -28.72 2.30
CA LYS A 91 -0.42 -29.88 1.50
C LYS A 91 -1.93 -29.98 1.38
N LEU A 92 -2.55 -28.81 1.15
CA LEU A 92 -4.00 -28.64 1.01
C LEU A 92 -4.42 -28.58 -0.47
N ASN A 93 -5.64 -29.02 -0.75
CA ASN A 93 -6.20 -29.09 -2.09
C ASN A 93 -7.21 -28.00 -2.36
N LYS A 94 -7.58 -27.29 -1.30
CA LYS A 94 -8.55 -26.18 -1.38
C LYS A 94 -8.38 -25.24 -0.22
N TRP A 95 -9.02 -24.08 -0.30
CA TRP A 95 -8.97 -23.08 0.75
C TRP A 95 -10.37 -22.50 0.96
N GLU A 96 -10.88 -22.55 2.20
CA GLU A 96 -12.23 -22.06 2.45
C GLU A 96 -12.38 -20.99 3.50
N ILE A 97 -11.29 -20.57 4.15
CA ILE A 97 -11.32 -19.51 5.13
C ILE A 97 -11.29 -18.15 4.40
N PRO A 98 -12.35 -17.31 4.49
CA PRO A 98 -12.26 -15.97 3.87
C PRO A 98 -11.23 -15.12 4.63
N ILE A 99 -10.31 -14.48 3.89
CA ILE A 99 -9.30 -13.59 4.46
C ILE A 99 -9.73 -12.19 4.05
N VAL A 100 -10.15 -11.38 5.03
CA VAL A 100 -10.63 -10.02 4.85
C VAL A 100 -9.48 -9.05 4.46
N CYS A 101 -9.77 -8.01 3.66
CA CYS A 101 -8.79 -6.98 3.25
C CYS A 101 -9.06 -5.67 3.97
N ASP A 102 -8.02 -5.05 4.51
CA ASP A 102 -8.13 -3.76 5.20
C ASP A 102 -6.98 -2.87 4.75
N GLU A 103 -6.86 -2.67 3.43
CA GLU A 103 -5.77 -1.89 2.84
C GLU A 103 -5.67 -0.46 3.37
N SER A 104 -6.83 0.16 3.67
CA SER A 104 -6.91 1.52 4.18
C SER A 104 -6.48 1.64 5.62
N ARG A 105 -6.45 0.50 6.38
CA ARG A 105 -6.15 0.46 7.83
C ARG A 105 -7.28 0.98 8.68
N GLU A 106 -8.47 1.15 8.09
CA GLU A 106 -9.64 1.64 8.84
C GLU A 106 -10.16 0.68 9.89
N LEU A 107 -10.30 -0.61 9.54
CA LEU A 107 -10.75 -1.65 10.48
C LEU A 107 -9.70 -1.95 11.52
N ALA A 108 -8.41 -1.98 11.11
CA ALA A 108 -7.32 -2.22 12.07
C ALA A 108 -7.20 -1.10 13.12
N ASN A 109 -7.47 0.17 12.73
CA ASN A 109 -7.42 1.30 13.66
C ASN A 109 -8.61 1.27 14.59
N LYS A 110 -9.81 0.94 14.05
CA LYS A 110 -11.04 0.78 14.81
C LYS A 110 -10.91 -0.40 15.84
N LEU A 111 -10.44 -1.58 15.39
CA LEU A 111 -10.27 -2.74 16.27
C LEU A 111 -9.07 -2.64 17.23
N LYS A 112 -8.15 -1.68 16.97
CA LYS A 112 -6.95 -1.44 17.79
C LYS A 112 -6.00 -2.66 17.80
N ILE A 113 -5.89 -3.30 16.60
CA ILE A 113 -5.07 -4.48 16.39
C ILE A 113 -3.75 -4.22 15.65
N MET A 114 -3.25 -2.96 15.66
CA MET A 114 -1.99 -2.65 14.99
C MET A 114 -0.79 -3.25 15.68
N ASP A 115 0.18 -3.73 14.90
CA ASP A 115 1.41 -4.27 15.46
C ASP A 115 2.28 -3.09 15.91
N GLU A 116 3.09 -3.32 16.92
CA GLU A 116 4.01 -2.34 17.48
C GLU A 116 5.14 -1.96 16.48
N GLN A 117 5.66 -2.92 15.67
CA GLN A 117 6.84 -2.76 14.78
C GLN A 117 6.60 -3.00 13.29
N GLU A 118 5.79 -4.03 12.95
CA GLU A 118 5.57 -4.47 11.59
C GLU A 118 4.98 -3.43 10.62
N LYS A 119 5.71 -3.25 9.52
CA LYS A 119 5.40 -2.34 8.41
C LYS A 119 5.60 -3.08 7.07
N ASP A 120 4.82 -2.71 6.04
CA ASP A 120 4.95 -3.34 4.72
C ASP A 120 6.01 -2.62 3.87
N ILE A 121 6.19 -3.08 2.62
CA ILE A 121 7.12 -2.52 1.63
C ILE A 121 6.87 -1.01 1.37
N THR A 122 5.64 -0.53 1.58
CA THR A 122 5.25 0.87 1.35
C THR A 122 5.53 1.80 2.55
N GLY A 123 5.94 1.21 3.68
CA GLY A 123 6.21 1.91 4.94
C GLY A 123 5.00 2.04 5.84
N LEU A 124 3.87 1.43 5.44
CA LEU A 124 2.63 1.49 6.21
C LEU A 124 2.55 0.42 7.29
N PRO A 125 1.92 0.74 8.44
CA PRO A 125 1.84 -0.25 9.54
C PRO A 125 0.94 -1.44 9.20
N LEU A 126 1.18 -2.56 9.91
CA LEU A 126 0.42 -3.79 9.73
C LEU A 126 -0.17 -4.25 11.05
N THR A 127 -1.17 -5.12 11.00
CA THR A 127 -1.81 -5.66 12.21
C THR A 127 -0.88 -6.64 12.97
N CYS A 128 -1.21 -6.93 14.23
CA CYS A 128 -0.50 -7.91 15.03
C CYS A 128 -1.24 -9.25 14.76
N ARG A 129 -1.05 -10.27 15.61
CA ARG A 129 -1.73 -11.55 15.48
C ARG A 129 -2.87 -11.56 16.50
N CYS A 130 -4.01 -10.96 16.14
CA CYS A 130 -5.16 -10.88 17.05
C CYS A 130 -6.03 -12.14 16.99
N LEU A 131 -6.85 -12.34 18.01
CA LEU A 131 -7.92 -13.33 18.05
C LEU A 131 -9.12 -12.70 18.74
N PHE A 132 -10.29 -12.72 18.11
CA PHE A 132 -11.58 -12.34 18.73
C PHE A 132 -12.46 -13.60 18.67
N PHE A 133 -12.88 -14.12 19.83
CA PHE A 133 -13.79 -15.28 19.92
C PHE A 133 -15.19 -14.68 20.11
N ILE A 134 -16.05 -14.85 19.11
CA ILE A 134 -17.38 -14.22 19.01
C ILE A 134 -18.49 -15.23 19.14
N SER A 135 -19.45 -14.93 20.02
CA SER A 135 -20.60 -15.80 20.27
C SER A 135 -21.69 -15.67 19.18
N PRO A 136 -22.69 -16.58 19.11
CA PRO A 136 -23.79 -16.39 18.13
C PRO A 136 -24.56 -15.05 18.31
N GLU A 137 -24.43 -14.40 19.48
CA GLU A 137 -25.07 -13.12 19.80
C GLU A 137 -24.15 -11.91 19.54
N LYS A 138 -23.02 -12.14 18.80
CA LYS A 138 -22.03 -11.11 18.40
C LYS A 138 -21.22 -10.53 19.54
N LYS A 139 -21.20 -11.25 20.67
CA LYS A 139 -20.46 -10.84 21.87
C LYS A 139 -19.05 -11.40 21.88
N ILE A 140 -18.08 -10.55 22.21
CA ILE A 140 -16.67 -10.90 22.30
C ILE A 140 -16.48 -11.62 23.63
N LYS A 141 -16.21 -12.93 23.54
CA LYS A 141 -16.03 -13.78 24.71
C LYS A 141 -14.61 -13.85 25.22
N ALA A 142 -13.63 -13.73 24.32
CA ALA A 142 -12.21 -13.78 24.67
C ALA A 142 -11.42 -13.10 23.57
N THR A 143 -10.26 -12.55 23.92
CA THR A 143 -9.36 -11.90 22.96
C THR A 143 -7.92 -12.24 23.29
N VAL A 144 -7.08 -12.12 22.29
CA VAL A 144 -5.65 -12.33 22.40
C VAL A 144 -4.99 -11.30 21.46
N LEU A 145 -3.88 -10.68 21.88
CA LEU A 145 -3.08 -9.84 20.98
C LEU A 145 -1.63 -10.35 21.07
N TYR A 146 -1.18 -11.18 20.10
CA TYR A 146 0.22 -11.64 20.02
C TYR A 146 0.92 -10.73 19.02
N PRO A 147 2.22 -10.42 19.21
CA PRO A 147 2.90 -9.56 18.24
C PRO A 147 3.26 -10.36 16.99
N ALA A 148 3.75 -9.66 15.93
CA ALA A 148 4.21 -10.27 14.70
C ALA A 148 5.37 -11.26 14.97
N THR A 149 6.20 -11.00 15.98
CA THR A 149 7.35 -11.85 16.35
C THR A 149 6.93 -13.27 16.82
N THR A 150 5.70 -13.42 17.34
CA THR A 150 5.24 -14.64 18.03
C THR A 150 4.00 -15.32 17.45
N GLY A 151 4.22 -16.43 16.75
CA GLY A 151 3.17 -17.28 16.20
C GLY A 151 2.29 -17.83 17.29
N ARG A 152 0.99 -17.91 17.05
CA ARG A 152 0.02 -18.37 18.05
C ARG A 152 0.09 -19.90 18.24
N ASN A 153 -0.61 -20.42 19.23
CA ASN A 153 -0.72 -21.84 19.49
C ASN A 153 -2.11 -22.20 18.92
N ALA A 154 -2.14 -22.94 17.80
CA ALA A 154 -3.37 -23.31 17.12
C ALA A 154 -4.24 -24.29 17.92
N HIS A 155 -3.60 -25.18 18.71
CA HIS A 155 -4.31 -26.12 19.58
C HIS A 155 -5.05 -25.34 20.66
N GLU A 156 -4.44 -24.23 21.15
CA GLU A 156 -5.01 -23.36 22.18
C GLU A 156 -6.26 -22.66 21.70
N ILE A 157 -6.29 -22.27 20.42
CA ILE A 157 -7.47 -21.62 19.84
C ILE A 157 -8.68 -22.56 19.98
N LEU A 158 -8.51 -23.86 19.62
CA LEU A 158 -9.55 -24.87 19.68
C LEU A 158 -9.96 -25.21 21.12
N ARG A 159 -8.96 -25.33 22.01
CA ARG A 159 -9.21 -25.62 23.43
C ARG A 159 -10.12 -24.53 24.02
N VAL A 160 -9.78 -23.24 23.74
CA VAL A 160 -10.54 -22.08 24.22
C VAL A 160 -11.98 -22.11 23.69
N LEU A 161 -12.14 -22.33 22.37
CA LEU A 161 -13.45 -22.42 21.73
C LEU A 161 -14.33 -23.49 22.41
N LYS A 162 -13.77 -24.69 22.69
CA LYS A 162 -14.49 -25.78 23.36
C LYS A 162 -14.89 -25.39 24.76
N SER A 163 -14.01 -24.68 25.48
CA SER A 163 -14.34 -24.18 26.81
C SER A 163 -15.46 -23.14 26.75
N LEU A 164 -15.41 -22.22 25.77
CA LEU A 164 -16.44 -21.17 25.67
C LEU A 164 -17.82 -21.74 25.35
N GLN A 165 -17.88 -22.76 24.47
CA GLN A 165 -19.11 -23.43 24.08
C GLN A 165 -19.66 -24.25 25.22
N LEU A 166 -18.79 -24.95 25.96
CA LEU A 166 -19.22 -25.75 27.11
C LEU A 166 -19.84 -24.90 28.22
N THR A 167 -19.13 -23.86 28.64
CA THR A 167 -19.58 -22.96 29.72
C THR A 167 -20.73 -22.03 29.31
N TYR A 168 -20.98 -21.87 28.00
CA TYR A 168 -22.07 -21.06 27.45
C TYR A 168 -23.42 -21.64 27.84
N THR A 169 -23.56 -22.98 27.84
CA THR A 169 -24.79 -23.75 28.10
C THR A 169 -24.86 -24.45 29.48
N THR A 170 -23.71 -24.80 30.09
CA THR A 170 -23.63 -25.55 31.35
C THR A 170 -23.08 -24.69 32.51
N PRO A 171 -23.61 -24.81 33.77
CA PRO A 171 -23.06 -24.02 34.88
C PRO A 171 -21.70 -24.55 35.40
N VAL A 172 -20.69 -24.50 34.53
CA VAL A 172 -19.32 -24.92 34.83
C VAL A 172 -18.32 -23.83 34.39
N ALA A 173 -17.07 -23.97 34.84
CA ALA A 173 -15.93 -23.15 34.46
C ALA A 173 -14.79 -24.14 34.27
N THR A 174 -13.94 -23.95 33.27
CA THR A 174 -12.84 -24.92 33.02
C THR A 174 -11.56 -24.55 33.77
N PRO A 175 -10.92 -25.51 34.48
CA PRO A 175 -9.70 -25.17 35.24
C PRO A 175 -8.48 -24.94 34.36
N VAL A 176 -7.35 -24.54 34.99
CA VAL A 176 -6.07 -24.36 34.28
C VAL A 176 -5.75 -25.62 33.45
N ASN A 177 -5.27 -25.44 32.20
CA ASN A 177 -4.82 -26.55 31.35
C ASN A 177 -5.88 -27.57 30.96
N TRP A 178 -7.17 -27.24 31.17
CA TRP A 178 -8.28 -28.12 30.87
C TRP A 178 -8.33 -28.48 29.39
N ASN A 179 -8.55 -29.75 29.12
CA ASN A 179 -8.82 -30.25 27.78
C ASN A 179 -10.15 -30.97 27.83
N GLU A 180 -10.82 -31.03 26.69
CA GLU A 180 -12.12 -31.68 26.55
C GLU A 180 -12.00 -33.13 27.01
N GLY A 181 -12.92 -33.52 27.90
CA GLY A 181 -12.90 -34.83 28.51
C GLY A 181 -12.45 -34.78 29.95
N ASP A 182 -11.69 -33.74 30.35
CA ASP A 182 -11.22 -33.57 31.73
C ASP A 182 -12.34 -33.06 32.60
N LYS A 183 -12.22 -33.31 33.91
CA LYS A 183 -13.18 -32.79 34.86
C LYS A 183 -13.11 -31.23 34.86
N CYS A 184 -14.25 -30.58 35.03
CA CYS A 184 -14.23 -29.14 35.16
C CYS A 184 -14.80 -28.70 36.49
N CYS A 185 -14.82 -27.40 36.73
CA CYS A 185 -15.27 -26.88 38.01
C CYS A 185 -16.74 -26.51 37.98
N VAL A 186 -17.45 -26.74 39.11
CA VAL A 186 -18.84 -26.33 39.27
C VAL A 186 -18.71 -24.83 39.62
N ILE A 187 -19.54 -23.94 39.04
CA ILE A 187 -19.46 -22.49 39.33
C ILE A 187 -19.65 -22.24 40.85
N PRO A 188 -18.88 -21.32 41.48
CA PRO A 188 -18.97 -21.19 42.95
C PRO A 188 -20.34 -20.76 43.53
N THR A 189 -21.21 -20.15 42.70
CA THR A 189 -22.55 -19.68 43.10
C THR A 189 -23.64 -20.77 43.02
N LEU A 190 -23.39 -21.88 42.28
CA LEU A 190 -24.37 -22.96 42.13
C LEU A 190 -24.59 -23.68 43.47
N GLN A 191 -25.79 -23.53 44.04
CA GLN A 191 -26.14 -24.15 45.32
C GLN A 191 -26.42 -25.65 45.17
N ASP A 192 -26.20 -26.42 46.27
CA ASP A 192 -26.40 -27.88 46.37
C ASP A 192 -27.74 -28.38 45.85
N ASP A 193 -28.79 -27.56 46.01
CA ASP A 193 -30.18 -27.80 45.63
C ASP A 193 -30.32 -27.90 44.09
N GLU A 194 -29.65 -26.99 43.35
CA GLU A 194 -29.69 -26.91 41.88
C GLU A 194 -28.75 -27.90 41.22
N ILE A 195 -27.80 -28.49 41.99
CA ILE A 195 -26.80 -29.44 41.51
C ILE A 195 -27.31 -30.66 40.74
N SER A 196 -28.41 -31.29 41.19
CA SER A 196 -28.94 -32.48 40.52
C SER A 196 -29.70 -32.20 39.21
N LYS A 197 -30.27 -30.98 39.04
CA LYS A 197 -30.99 -30.56 37.83
C LYS A 197 -30.00 -30.50 36.63
N HIS A 198 -28.79 -29.97 36.87
CA HIS A 198 -27.74 -29.73 35.88
C HIS A 198 -26.76 -30.88 35.64
N PHE A 199 -26.51 -31.74 36.65
CA PHE A 199 -25.52 -32.83 36.53
C PHE A 199 -26.03 -34.25 36.80
N LYS A 200 -25.91 -35.12 35.78
CA LYS A 200 -26.28 -36.54 35.85
C LYS A 200 -25.26 -37.28 36.73
N ASN A 201 -23.94 -37.06 36.48
CA ASN A 201 -22.83 -37.64 37.24
C ASN A 201 -22.61 -36.86 38.55
N GLU A 202 -21.98 -37.53 39.53
CA GLU A 202 -21.70 -36.95 40.83
C GLU A 202 -20.54 -35.94 40.82
N ILE A 203 -20.57 -35.07 41.84
CA ILE A 203 -19.61 -34.00 42.08
C ILE A 203 -18.56 -34.47 43.10
N THR A 204 -17.31 -34.05 42.89
CA THR A 204 -16.21 -34.33 43.80
C THR A 204 -15.87 -33.03 44.53
N LYS A 205 -15.96 -33.07 45.85
CA LYS A 205 -15.70 -31.96 46.75
C LYS A 205 -14.32 -32.13 47.37
N VAL A 206 -13.49 -31.09 47.31
CA VAL A 206 -12.13 -31.10 47.85
C VAL A 206 -12.11 -30.11 49.03
N GLU A 207 -11.80 -30.64 50.23
CA GLU A 207 -11.76 -29.88 51.46
C GLU A 207 -10.60 -28.91 51.51
N MET A 208 -10.89 -27.66 51.86
CA MET A 208 -9.89 -26.60 51.90
C MET A 208 -9.61 -26.15 53.33
N PRO A 209 -8.37 -25.65 53.66
CA PRO A 209 -8.13 -25.15 55.04
C PRO A 209 -9.10 -24.07 55.53
N SER A 210 -9.66 -23.27 54.61
CA SER A 210 -10.63 -22.20 54.89
C SER A 210 -12.01 -22.76 55.21
N LYS A 211 -12.22 -24.08 54.98
CA LYS A 211 -13.48 -24.81 55.22
C LYS A 211 -14.59 -24.34 54.28
N LYS A 212 -14.23 -23.51 53.29
CA LYS A 212 -15.17 -23.01 52.28
C LYS A 212 -15.43 -24.16 51.32
N LYS A 213 -16.61 -24.18 50.71
CA LYS A 213 -17.05 -25.33 49.90
C LYS A 213 -16.96 -25.14 48.38
N TYR A 214 -16.16 -24.17 47.95
CA TYR A 214 -16.01 -23.78 46.54
C TYR A 214 -15.25 -24.78 45.62
N LEU A 215 -14.35 -25.60 46.19
CA LEU A 215 -13.56 -26.51 45.36
C LEU A 215 -14.28 -27.78 44.98
N ARG A 216 -15.11 -27.67 43.92
CA ARG A 216 -15.92 -28.78 43.43
C ARG A 216 -15.63 -29.09 41.97
N PHE A 217 -15.35 -30.37 41.70
CA PHE A 217 -15.12 -30.87 40.35
C PHE A 217 -16.28 -31.72 39.89
N VAL A 218 -16.48 -31.77 38.57
CA VAL A 218 -17.53 -32.56 37.95
C VAL A 218 -17.04 -33.14 36.63
N ASN A 219 -17.33 -34.44 36.42
CA ASN A 219 -16.98 -35.12 35.16
C ASN A 219 -18.28 -35.22 34.37
N LEU A 220 -18.36 -34.52 33.23
CA LEU A 220 -19.57 -34.49 32.39
C LEU A 220 -19.64 -35.63 31.35
N GLY B 2 16.52 16.42 -12.91
CA GLY B 2 17.72 15.71 -13.31
C GLY B 2 17.59 15.02 -14.65
N TYR B 3 16.47 14.27 -14.84
CA TYR B 3 16.17 13.50 -16.06
C TYR B 3 15.51 14.30 -17.17
N HIS B 4 16.29 15.22 -17.72
CA HIS B 4 15.89 16.06 -18.82
C HIS B 4 16.58 15.58 -20.11
N LEU B 5 16.43 16.30 -21.24
CA LEU B 5 16.93 15.81 -22.53
C LEU B 5 18.42 15.60 -22.65
N GLY B 6 18.79 14.41 -23.08
CA GLY B 6 20.19 14.03 -23.25
C GLY B 6 20.82 13.34 -22.07
N ALA B 7 20.15 13.35 -20.90
CA ALA B 7 20.63 12.67 -19.70
C ALA B 7 20.57 11.14 -19.93
N THR B 8 21.41 10.40 -19.22
CA THR B 8 21.44 8.95 -19.33
C THR B 8 20.31 8.41 -18.47
N PHE B 9 19.45 7.54 -19.04
CA PHE B 9 18.36 6.99 -18.24
C PHE B 9 18.97 6.00 -17.26
N PRO B 10 18.71 6.09 -15.94
CA PRO B 10 19.38 5.18 -14.98
C PRO B 10 18.91 3.74 -15.04
N ASN B 11 19.83 2.81 -14.79
CA ASN B 11 19.49 1.38 -14.74
C ASN B 11 18.78 1.12 -13.45
N PHE B 12 17.90 0.12 -13.42
CA PHE B 12 17.21 -0.26 -12.19
C PHE B 12 16.88 -1.74 -12.22
N THR B 13 16.70 -2.32 -11.02
CA THR B 13 16.28 -3.71 -10.84
C THR B 13 14.98 -3.66 -10.04
N ALA B 14 13.96 -4.37 -10.52
CA ALA B 14 12.65 -4.38 -9.87
C ALA B 14 11.90 -5.65 -10.24
N LYS B 15 10.75 -5.88 -9.58
CA LYS B 15 9.89 -7.00 -9.92
C LYS B 15 8.99 -6.48 -11.04
N ALA B 16 8.53 -7.37 -11.89
CA ALA B 16 7.75 -7.02 -13.03
C ALA B 16 6.66 -8.02 -13.31
N SER B 17 5.59 -7.59 -13.94
CA SER B 17 4.53 -8.47 -14.30
C SER B 17 4.99 -9.63 -15.16
N GLY B 18 4.28 -10.73 -15.03
CA GLY B 18 4.46 -11.94 -15.78
C GLY B 18 5.80 -12.66 -15.77
N ILE B 19 6.85 -11.99 -15.31
CA ILE B 19 8.16 -12.54 -15.45
C ILE B 19 8.71 -13.11 -14.20
N ASP B 20 9.74 -13.89 -14.40
CA ASP B 20 10.30 -14.71 -13.37
C ASP B 20 11.51 -14.05 -12.84
N GLY B 21 11.41 -13.58 -11.61
CA GLY B 21 12.55 -13.00 -10.96
C GLY B 21 12.72 -11.54 -11.21
N ASP B 22 13.92 -11.09 -10.98
CA ASP B 22 14.29 -9.70 -11.09
C ASP B 22 14.35 -9.21 -12.53
N PHE B 23 13.70 -8.07 -12.79
CA PHE B 23 13.75 -7.40 -14.08
C PHE B 23 14.84 -6.33 -13.95
N GLU B 24 15.87 -6.41 -14.77
CA GLU B 24 16.93 -5.40 -14.79
C GLU B 24 16.77 -4.65 -16.11
N LEU B 25 16.50 -3.33 -16.04
CA LEU B 25 16.27 -2.49 -17.23
C LEU B 25 17.33 -2.60 -18.36
N TYR B 26 18.63 -2.39 -18.05
CA TYR B 26 19.69 -2.45 -19.07
C TYR B 26 19.78 -3.77 -19.85
N LYS B 27 19.52 -4.92 -19.16
CA LYS B 27 19.51 -6.24 -19.79
C LYS B 27 18.37 -6.34 -20.82
N TYR B 28 17.17 -5.86 -20.45
CA TYR B 28 16.01 -5.93 -21.36
C TYR B 28 16.12 -4.96 -22.56
N ILE B 29 16.79 -3.79 -22.37
CA ILE B 29 16.88 -2.75 -23.41
C ILE B 29 18.17 -2.65 -24.21
N GLU B 30 19.19 -3.49 -23.90
CA GLU B 30 20.49 -3.55 -24.59
C GLU B 30 20.32 -3.56 -26.13
N ASN B 31 21.03 -2.64 -26.81
CA ASN B 31 21.06 -2.47 -28.28
C ASN B 31 19.69 -2.21 -28.88
N SER B 32 18.79 -1.57 -28.10
CA SER B 32 17.43 -1.32 -28.55
C SER B 32 16.90 0.06 -28.15
N TRP B 33 15.88 0.54 -28.86
CA TRP B 33 15.19 1.76 -28.48
C TRP B 33 14.20 1.31 -27.39
N ALA B 34 13.78 2.22 -26.52
CA ALA B 34 12.82 1.86 -25.46
C ALA B 34 11.90 2.99 -25.10
N ILE B 35 10.66 2.64 -24.76
CA ILE B 35 9.68 3.58 -24.26
C ILE B 35 9.21 3.08 -22.88
N LEU B 36 9.61 3.81 -21.81
CA LEU B 36 9.15 3.53 -20.45
C LEU B 36 7.94 4.43 -20.26
N PHE B 37 6.80 3.82 -19.94
CA PHE B 37 5.55 4.51 -19.71
C PHE B 37 4.99 4.11 -18.33
N SER B 38 4.43 5.05 -17.58
CA SER B 38 3.83 4.74 -16.30
C SER B 38 2.33 4.98 -16.37
N HIS B 39 1.61 4.51 -15.36
CA HIS B 39 0.17 4.74 -15.26
C HIS B 39 -0.12 4.82 -13.78
N PRO B 40 -1.12 5.61 -13.33
CA PRO B 40 -1.35 5.70 -11.88
C PRO B 40 -1.73 4.42 -11.13
N ASN B 41 -2.80 3.73 -11.55
CA ASN B 41 -3.25 2.57 -10.79
C ASN B 41 -3.85 1.48 -11.64
N ASP B 42 -3.54 0.21 -11.31
CA ASP B 42 -4.16 -0.96 -11.93
C ASP B 42 -5.64 -0.91 -11.60
N PHE B 43 -6.49 -1.59 -12.40
CA PHE B 43 -7.95 -1.66 -12.18
C PHE B 43 -8.63 -0.29 -12.19
N THR B 44 -8.22 0.61 -13.09
CA THR B 44 -8.81 1.95 -13.26
C THR B 44 -9.13 2.15 -14.76
N PRO B 45 -10.16 2.94 -15.12
CA PRO B 45 -10.62 2.94 -16.53
C PRO B 45 -9.70 3.41 -17.66
N VAL B 46 -9.13 4.62 -17.56
CA VAL B 46 -8.25 5.23 -18.57
C VAL B 46 -7.03 4.35 -18.75
N CSD B 47 -6.45 3.89 -17.63
CA CSD B 47 -5.29 3.00 -17.60
CB CSD B 47 -5.01 2.52 -16.14
SG CSD B 47 -4.57 3.91 -15.06
C CSD B 47 -5.57 1.72 -18.40
O CSD B 47 -4.68 1.26 -19.11
OD1 CSD B 47 -3.53 4.48 -15.76
OD2 CSD B 47 -5.76 4.93 -15.19
N THR B 48 -6.80 1.19 -18.31
CA THR B 48 -7.20 -0.01 -19.05
C THR B 48 -7.25 0.26 -20.55
N THR B 49 -7.90 1.36 -20.97
CA THR B 49 -7.94 1.73 -22.41
C THR B 49 -6.53 1.90 -22.99
N GLU B 50 -5.61 2.55 -22.23
CA GLU B 50 -4.23 2.81 -22.66
C GLU B 50 -3.43 1.56 -22.85
N LEU B 51 -3.39 0.68 -21.84
CA LEU B 51 -2.61 -0.56 -21.92
C LEU B 51 -3.17 -1.56 -22.92
N ALA B 52 -4.51 -1.54 -23.14
CA ALA B 52 -5.16 -2.38 -24.15
C ALA B 52 -4.66 -1.93 -25.55
N GLU B 53 -4.64 -0.59 -25.78
CA GLU B 53 -4.18 0.05 -27.01
C GLU B 53 -2.69 -0.24 -27.28
N LEU B 54 -1.84 -0.13 -26.25
CA LEU B 54 -0.41 -0.40 -26.38
C LEU B 54 -0.09 -1.88 -26.64
N GLY B 55 -0.95 -2.77 -26.13
CA GLY B 55 -0.86 -4.21 -26.33
C GLY B 55 -1.10 -4.53 -27.79
N LYS B 56 -2.16 -3.94 -28.39
CA LYS B 56 -2.54 -4.03 -29.81
C LYS B 56 -1.41 -3.54 -30.73
N MET B 57 -0.72 -2.46 -30.33
CA MET B 57 0.36 -1.80 -31.08
C MET B 57 1.72 -2.40 -30.79
N HIS B 58 1.81 -3.33 -29.83
CA HIS B 58 3.10 -3.89 -29.39
C HIS B 58 4.03 -4.40 -30.50
N GLU B 59 3.47 -5.00 -31.56
CA GLU B 59 4.24 -5.52 -32.69
C GLU B 59 4.86 -4.40 -33.54
N ASP B 60 4.09 -3.31 -33.77
CA ASP B 60 4.51 -2.09 -34.48
C ASP B 60 5.79 -1.51 -33.84
N PHE B 61 5.91 -1.54 -32.49
CA PHE B 61 7.10 -1.07 -31.75
C PHE B 61 8.26 -2.08 -31.88
N LEU B 62 7.96 -3.38 -31.70
CA LEU B 62 8.96 -4.46 -31.76
C LEU B 62 9.64 -4.57 -33.13
N LYS B 63 8.86 -4.41 -34.22
CA LYS B 63 9.40 -4.42 -35.59
C LYS B 63 10.31 -3.19 -35.86
N LEU B 64 10.16 -2.10 -35.05
CA LEU B 64 10.99 -0.90 -35.12
C LEU B 64 12.13 -0.94 -34.09
N ASN B 65 12.44 -2.16 -33.54
CA ASN B 65 13.50 -2.40 -32.53
C ASN B 65 13.30 -1.53 -31.27
N CYS B 66 12.05 -1.39 -30.88
CA CYS B 66 11.72 -0.61 -29.69
C CYS B 66 10.98 -1.45 -28.65
N LYS B 67 11.53 -1.53 -27.44
CA LYS B 67 10.86 -2.24 -26.34
C LYS B 67 9.88 -1.29 -25.59
N LEU B 68 8.75 -1.83 -25.11
CA LEU B 68 7.77 -1.11 -24.30
C LEU B 68 7.87 -1.61 -22.86
N ILE B 69 8.04 -0.69 -21.90
CA ILE B 69 8.14 -1.01 -20.46
C ILE B 69 7.07 -0.24 -19.69
N GLY B 70 6.13 -0.98 -19.10
CA GLY B 70 5.07 -0.45 -18.24
C GLY B 70 5.60 -0.19 -16.85
N PHE B 71 4.83 0.56 -16.02
CA PHE B 71 5.30 0.97 -14.69
C PHE B 71 4.16 1.53 -13.84
N SER B 72 4.05 1.08 -12.58
CA SER B 72 3.14 1.66 -11.59
C SER B 72 3.60 1.29 -10.19
N CYS B 73 3.07 2.01 -9.18
CA CYS B 73 3.36 1.78 -7.78
C CYS B 73 2.47 0.64 -7.20
N ASN B 74 2.11 -0.36 -8.03
CA ASN B 74 1.29 -1.51 -7.64
C ASN B 74 2.16 -2.75 -7.55
N SER B 75 1.65 -3.80 -6.86
CA SER B 75 2.37 -5.09 -6.71
C SER B 75 2.32 -5.91 -8.01
N LYS B 76 3.14 -6.98 -8.08
CA LYS B 76 3.15 -7.95 -9.19
C LYS B 76 1.82 -8.71 -9.26
N GLU B 77 1.21 -8.99 -8.09
CA GLU B 77 -0.06 -9.74 -7.96
C GLU B 77 -1.21 -8.92 -8.54
N SER B 78 -1.16 -7.61 -8.30
CA SER B 78 -2.12 -6.67 -8.85
C SER B 78 -1.96 -6.61 -10.39
N HIS B 79 -0.70 -6.53 -10.89
CA HIS B 79 -0.40 -6.45 -12.32
C HIS B 79 -0.92 -7.69 -13.05
N ASP B 80 -0.49 -8.91 -12.61
CA ASP B 80 -0.85 -10.21 -13.19
C ASP B 80 -2.35 -10.39 -13.28
N LYS B 81 -3.09 -9.97 -12.25
CA LYS B 81 -4.55 -10.06 -12.25
C LYS B 81 -5.18 -9.02 -13.19
N TRP B 82 -4.64 -7.78 -13.19
CA TRP B 82 -5.18 -6.71 -14.02
C TRP B 82 -4.96 -7.00 -15.50
N ILE B 83 -3.86 -7.68 -15.84
CA ILE B 83 -3.54 -8.10 -17.20
C ILE B 83 -4.69 -8.89 -17.85
N GLU B 84 -5.39 -9.76 -17.07
CA GLU B 84 -6.54 -10.52 -17.56
C GLU B 84 -7.70 -9.62 -17.96
N ASP B 85 -7.89 -8.49 -17.24
CA ASP B 85 -8.89 -7.48 -17.58
C ASP B 85 -8.45 -6.76 -18.87
N ILE B 86 -7.15 -6.42 -18.98
CA ILE B 86 -6.58 -5.75 -20.16
C ILE B 86 -6.74 -6.61 -21.43
N LYS B 87 -6.43 -7.92 -21.35
CA LYS B 87 -6.55 -8.87 -22.46
C LYS B 87 -8.00 -9.01 -22.92
N TYR B 88 -8.94 -9.06 -21.97
CA TYR B 88 -10.36 -9.17 -22.26
C TYR B 88 -10.90 -7.90 -22.98
N TYR B 89 -10.70 -6.71 -22.35
CA TYR B 89 -11.11 -5.43 -22.92
C TYR B 89 -10.52 -5.19 -24.33
N GLY B 90 -9.22 -5.43 -24.48
CA GLY B 90 -8.52 -5.20 -25.75
C GLY B 90 -8.56 -6.33 -26.76
N LYS B 91 -9.27 -7.43 -26.44
CA LYS B 91 -9.40 -8.64 -27.26
C LYS B 91 -8.05 -9.11 -27.71
N LEU B 92 -7.14 -9.27 -26.74
CA LEU B 92 -5.76 -9.70 -26.93
C LEU B 92 -5.61 -11.13 -26.44
N ASN B 93 -4.95 -11.96 -27.26
CA ASN B 93 -4.70 -13.36 -26.96
C ASN B 93 -3.45 -13.47 -26.11
N LYS B 94 -2.53 -12.52 -26.26
CA LYS B 94 -1.26 -12.48 -25.54
C LYS B 94 -1.02 -11.13 -24.87
N TRP B 95 -0.15 -11.13 -23.85
CA TRP B 95 0.34 -9.95 -23.15
C TRP B 95 1.81 -10.16 -22.95
N GLU B 96 2.64 -9.30 -23.57
CA GLU B 96 4.08 -9.42 -23.51
C GLU B 96 4.82 -8.17 -23.02
N ILE B 97 4.08 -7.09 -22.68
CA ILE B 97 4.70 -5.88 -22.15
C ILE B 97 5.06 -6.09 -20.67
N PRO B 98 6.34 -6.06 -20.26
CA PRO B 98 6.63 -6.17 -18.82
C PRO B 98 6.20 -4.90 -18.06
N ILE B 99 5.51 -5.08 -16.91
CA ILE B 99 5.04 -3.98 -16.09
C ILE B 99 5.81 -3.98 -14.79
N VAL B 100 6.64 -2.95 -14.60
CA VAL B 100 7.50 -2.77 -13.44
C VAL B 100 6.67 -2.44 -12.17
N CYS B 101 7.09 -2.99 -11.01
CA CYS B 101 6.46 -2.77 -9.69
C CYS B 101 7.30 -1.80 -8.92
N ASP B 102 6.67 -0.75 -8.39
CA ASP B 102 7.38 0.23 -7.55
C ASP B 102 6.55 0.56 -6.31
N GLU B 103 6.12 -0.49 -5.58
CA GLU B 103 5.27 -0.33 -4.38
C GLU B 103 5.87 0.60 -3.35
N SER B 104 7.20 0.58 -3.19
CA SER B 104 7.93 1.43 -2.24
C SER B 104 7.92 2.90 -2.60
N ARG B 105 7.67 3.24 -3.90
CA ARG B 105 7.66 4.61 -4.47
C ARG B 105 9.09 5.14 -4.70
N GLU B 106 10.13 4.32 -4.48
CA GLU B 106 11.55 4.72 -4.64
C GLU B 106 11.87 5.19 -6.06
N LEU B 107 11.54 4.37 -7.10
CA LEU B 107 11.79 4.70 -8.50
C LEU B 107 10.93 5.88 -8.95
N ALA B 108 9.68 5.96 -8.47
CA ALA B 108 8.78 7.05 -8.82
C ALA B 108 9.35 8.36 -8.31
N ASN B 109 9.93 8.35 -7.08
CA ASN B 109 10.55 9.54 -6.46
C ASN B 109 11.83 9.90 -7.18
N LYS B 110 12.65 8.91 -7.54
CA LYS B 110 13.89 9.12 -8.28
C LYS B 110 13.60 9.73 -9.67
N LEU B 111 12.60 9.18 -10.41
CA LEU B 111 12.24 9.67 -11.75
C LEU B 111 11.45 10.97 -11.76
N LYS B 112 10.90 11.37 -10.62
CA LYS B 112 10.08 12.60 -10.48
C LYS B 112 8.79 12.52 -11.32
N ILE B 113 8.18 11.31 -11.35
CA ILE B 113 6.96 11.02 -12.11
C ILE B 113 5.68 10.93 -11.25
N MET B 114 5.72 11.45 -10.02
CA MET B 114 4.51 11.39 -9.16
C MET B 114 3.42 12.31 -9.67
N ASP B 115 2.16 11.87 -9.53
CA ASP B 115 0.99 12.62 -9.94
C ASP B 115 0.69 13.67 -8.90
N GLU B 116 0.17 14.80 -9.34
CA GLU B 116 -0.23 15.95 -8.52
C GLU B 116 -1.27 15.54 -7.45
N GLN B 117 -2.28 14.74 -7.83
CA GLN B 117 -3.34 14.38 -6.87
C GLN B 117 -3.69 12.91 -6.68
N GLU B 118 -3.40 12.02 -7.65
CA GLU B 118 -3.75 10.61 -7.55
C GLU B 118 -3.11 9.84 -6.39
N LYS B 119 -3.96 9.22 -5.57
CA LYS B 119 -3.59 8.41 -4.40
C LYS B 119 -4.31 7.06 -4.46
N ASP B 120 -3.68 5.99 -3.94
CA ASP B 120 -4.31 4.67 -3.90
C ASP B 120 -5.26 4.57 -2.70
N ILE B 121 -5.87 3.38 -2.50
CA ILE B 121 -6.78 3.08 -1.39
C ILE B 121 -6.09 3.22 -0.01
N THR B 122 -4.76 3.04 0.04
CA THR B 122 -3.99 3.15 1.29
C THR B 122 -3.62 4.61 1.64
N GLY B 123 -3.95 5.55 0.75
CA GLY B 123 -3.66 6.97 0.91
C GLY B 123 -2.30 7.42 0.42
N LEU B 124 -1.53 6.50 -0.19
CA LEU B 124 -0.19 6.81 -0.73
C LEU B 124 -0.24 7.36 -2.15
N PRO B 125 0.71 8.26 -2.54
CA PRO B 125 0.66 8.82 -3.90
C PRO B 125 0.97 7.80 -5.01
N LEU B 126 0.53 8.12 -6.22
CA LEU B 126 0.74 7.30 -7.42
C LEU B 126 1.41 8.12 -8.52
N THR B 127 1.97 7.44 -9.54
CA THR B 127 2.62 8.08 -10.67
C THR B 127 1.62 8.74 -11.61
N CYS B 128 2.12 9.66 -12.45
CA CYS B 128 1.30 10.32 -13.47
C CYS B 128 1.40 9.38 -14.69
N ARG B 129 1.09 9.88 -15.90
CA ARG B 129 1.18 9.11 -17.14
C ARG B 129 2.46 9.59 -17.85
N CYS B 130 3.59 9.01 -17.49
CA CYS B 130 4.88 9.44 -18.04
C CYS B 130 5.28 8.71 -19.31
N LEU B 131 6.24 9.28 -20.05
CA LEU B 131 6.85 8.66 -21.22
C LEU B 131 8.29 9.06 -21.26
N PHE B 132 9.19 8.09 -21.41
CA PHE B 132 10.60 8.34 -21.61
C PHE B 132 10.96 7.59 -22.90
N PHE B 133 11.40 8.31 -23.94
CA PHE B 133 11.85 7.72 -25.19
C PHE B 133 13.36 7.65 -25.06
N ILE B 134 13.88 6.42 -24.96
CA ILE B 134 15.27 6.10 -24.71
C ILE B 134 15.93 5.48 -25.95
N SER B 135 17.15 5.98 -26.28
CA SER B 135 17.94 5.52 -27.43
C SER B 135 18.75 4.24 -27.08
N PRO B 136 19.34 3.51 -28.07
CA PRO B 136 20.19 2.35 -27.75
C PRO B 136 21.40 2.68 -26.86
N GLU B 137 21.77 3.97 -26.77
CA GLU B 137 22.88 4.45 -25.94
C GLU B 137 22.39 4.95 -24.56
N LYS B 138 21.12 4.64 -24.23
CA LYS B 138 20.47 5.00 -22.95
C LYS B 138 20.24 6.48 -22.70
N LYS B 139 20.26 7.29 -23.78
CA LYS B 139 20.01 8.73 -23.67
C LYS B 139 18.53 9.02 -23.76
N ILE B 140 18.04 9.94 -22.92
CA ILE B 140 16.64 10.35 -22.93
C ILE B 140 16.43 11.33 -24.10
N LYS B 141 15.74 10.86 -25.16
CA LYS B 141 15.50 11.65 -26.39
C LYS B 141 14.30 12.59 -26.29
N ALA B 142 13.21 12.12 -25.66
CA ALA B 142 11.99 12.91 -25.49
C ALA B 142 11.29 12.46 -24.21
N THR B 143 10.53 13.36 -23.58
CA THR B 143 9.74 13.06 -22.38
C THR B 143 8.39 13.71 -22.48
N VAL B 144 7.44 13.09 -21.78
CA VAL B 144 6.08 13.57 -21.65
C VAL B 144 5.64 13.28 -20.18
N LEU B 145 4.88 14.19 -19.58
CA LEU B 145 4.26 13.99 -18.27
C LEU B 145 2.83 14.42 -18.37
N TYR B 146 1.91 13.45 -18.60
CA TYR B 146 0.45 13.71 -18.62
C TYR B 146 -0.13 13.37 -17.24
N PRO B 147 -1.16 14.10 -16.75
CA PRO B 147 -1.71 13.77 -15.42
C PRO B 147 -2.63 12.56 -15.52
N ALA B 148 -3.00 11.96 -14.37
CA ALA B 148 -3.92 10.81 -14.22
C ALA B 148 -5.25 11.07 -14.92
N THR B 149 -5.70 12.34 -14.94
CA THR B 149 -6.98 12.80 -15.55
C THR B 149 -6.99 12.71 -17.07
N THR B 150 -5.81 12.67 -17.71
CA THR B 150 -5.68 12.77 -19.16
C THR B 150 -4.95 11.61 -19.80
N GLY B 151 -5.71 10.75 -20.46
CA GLY B 151 -5.15 9.63 -21.23
C GLY B 151 -4.28 10.11 -22.37
N ARG B 152 -3.21 9.39 -22.63
CA ARG B 152 -2.28 9.75 -23.70
C ARG B 152 -2.87 9.45 -25.10
N ASN B 153 -2.16 9.88 -26.14
CA ASN B 153 -2.49 9.65 -27.53
C ASN B 153 -1.46 8.65 -28.00
N ALA B 154 -1.86 7.37 -28.09
CA ALA B 154 -0.99 6.25 -28.47
C ALA B 154 -0.43 6.36 -29.91
N HIS B 155 -1.18 7.04 -30.81
CA HIS B 155 -0.73 7.29 -32.20
C HIS B 155 0.49 8.19 -32.18
N GLU B 156 0.45 9.22 -31.28
CA GLU B 156 1.52 10.18 -31.03
C GLU B 156 2.77 9.49 -30.52
N ILE B 157 2.61 8.43 -29.73
CA ILE B 157 3.76 7.68 -29.20
C ILE B 157 4.55 7.08 -30.36
N LEU B 158 3.85 6.44 -31.30
CA LEU B 158 4.46 5.82 -32.48
C LEU B 158 5.03 6.91 -33.42
N ARG B 159 4.29 8.02 -33.62
CA ARG B 159 4.71 9.15 -34.45
C ARG B 159 6.05 9.70 -34.00
N VAL B 160 6.20 9.93 -32.68
CA VAL B 160 7.43 10.44 -32.06
C VAL B 160 8.59 9.48 -32.25
N LEU B 161 8.37 8.17 -32.01
CA LEU B 161 9.42 7.15 -32.16
C LEU B 161 10.00 7.14 -33.59
N LYS B 162 9.12 7.20 -34.59
CA LYS B 162 9.49 7.19 -35.99
C LYS B 162 10.33 8.43 -36.37
N SER B 163 10.00 9.61 -35.78
CA SER B 163 10.75 10.84 -35.97
C SER B 163 12.13 10.73 -35.33
N LEU B 164 12.19 10.26 -34.06
CA LEU B 164 13.46 10.08 -33.33
C LEU B 164 14.37 9.11 -34.06
N GLN B 165 13.83 8.02 -34.62
CA GLN B 165 14.59 7.01 -35.36
C GLN B 165 15.12 7.55 -36.71
N LEU B 166 14.30 8.30 -37.46
CA LEU B 166 14.69 8.90 -38.74
C LEU B 166 15.80 9.93 -38.57
N THR B 167 15.58 10.91 -37.68
CA THR B 167 16.50 12.01 -37.41
C THR B 167 17.80 11.56 -36.74
N TYR B 168 17.79 10.37 -36.10
CA TYR B 168 18.92 9.73 -35.43
C TYR B 168 20.06 9.42 -36.42
N THR B 169 19.69 9.02 -37.66
CA THR B 169 20.62 8.61 -38.72
C THR B 169 20.79 9.62 -39.87
N THR B 170 19.70 10.30 -40.28
CA THR B 170 19.70 11.23 -41.41
C THR B 170 19.66 12.74 -41.00
N PRO B 171 20.33 13.67 -41.75
CA PRO B 171 20.33 15.09 -41.33
C PRO B 171 19.06 15.86 -41.70
N VAL B 172 17.95 15.45 -41.07
CA VAL B 172 16.63 16.03 -41.20
C VAL B 172 16.01 16.27 -39.82
N ALA B 173 14.92 17.03 -39.80
CA ALA B 173 14.11 17.31 -38.64
C ALA B 173 12.68 17.24 -39.15
N THR B 174 11.74 16.76 -38.30
CA THR B 174 10.35 16.60 -38.74
C THR B 174 9.51 17.82 -38.43
N PRO B 175 8.71 18.36 -39.38
CA PRO B 175 7.92 19.56 -39.08
C PRO B 175 6.71 19.29 -38.18
N VAL B 176 5.92 20.34 -37.88
CA VAL B 176 4.70 20.25 -37.10
C VAL B 176 3.74 19.26 -37.77
N ASN B 177 3.06 18.41 -36.97
CA ASN B 177 2.07 17.44 -37.44
C ASN B 177 2.60 16.44 -38.47
N TRP B 178 3.91 16.20 -38.52
CA TRP B 178 4.54 15.29 -39.48
C TRP B 178 4.15 13.84 -39.24
N ASN B 179 3.89 13.12 -40.34
CA ASN B 179 3.64 11.69 -40.32
C ASN B 179 4.58 11.05 -41.31
N GLU B 180 4.96 9.79 -41.07
CA GLU B 180 5.84 9.04 -41.95
C GLU B 180 5.30 9.12 -43.38
N GLY B 181 6.18 9.46 -44.32
CA GLY B 181 5.80 9.64 -45.71
C GLY B 181 5.74 11.10 -46.10
N ASP B 182 5.45 12.01 -45.13
CA ASP B 182 5.42 13.45 -45.38
C ASP B 182 6.85 13.91 -45.59
N LYS B 183 7.03 15.01 -46.33
CA LYS B 183 8.36 15.60 -46.56
C LYS B 183 8.91 16.15 -45.22
N CYS B 184 10.21 16.02 -45.00
CA CYS B 184 10.90 16.48 -43.80
C CYS B 184 11.46 17.86 -44.06
N CYS B 185 12.18 18.41 -43.07
CA CYS B 185 12.88 19.68 -43.18
C CYS B 185 14.35 19.38 -43.22
N VAL B 186 15.09 20.05 -44.10
CA VAL B 186 16.55 19.85 -44.15
C VAL B 186 17.08 20.60 -42.94
N ILE B 187 18.06 20.01 -42.18
CA ILE B 187 18.64 20.69 -41.02
C ILE B 187 19.26 22.02 -41.45
N PRO B 188 19.02 23.13 -40.68
CA PRO B 188 19.47 24.46 -41.15
C PRO B 188 20.98 24.66 -41.32
N THR B 189 21.80 23.82 -40.68
CA THR B 189 23.26 23.89 -40.74
C THR B 189 23.86 23.17 -41.95
N LEU B 190 23.06 22.30 -42.61
CA LEU B 190 23.50 21.53 -43.77
C LEU B 190 23.74 22.42 -45.00
N GLN B 191 25.01 22.49 -45.45
CA GLN B 191 25.46 23.29 -46.60
C GLN B 191 24.99 22.66 -47.92
N ASP B 192 24.68 23.52 -48.93
CA ASP B 192 24.23 23.14 -50.27
C ASP B 192 25.13 22.12 -50.95
N ASP B 193 26.45 22.27 -50.74
CA ASP B 193 27.52 21.42 -51.25
C ASP B 193 27.57 20.02 -50.56
N GLU B 194 26.66 19.77 -49.60
CA GLU B 194 26.55 18.51 -48.86
C GLU B 194 25.20 17.81 -49.05
N ILE B 195 24.20 18.52 -49.62
CA ILE B 195 22.84 18.03 -49.88
C ILE B 195 22.76 16.80 -50.80
N SER B 196 23.65 16.72 -51.82
CA SER B 196 23.70 15.63 -52.79
C SER B 196 24.13 14.30 -52.19
N LYS B 197 25.10 14.34 -51.23
CA LYS B 197 25.65 13.19 -50.50
C LYS B 197 24.56 12.46 -49.69
N HIS B 198 23.70 13.24 -49.01
CA HIS B 198 22.64 12.75 -48.12
C HIS B 198 21.30 12.51 -48.79
N PHE B 199 20.92 13.34 -49.79
CA PHE B 199 19.62 13.20 -50.44
C PHE B 199 19.67 12.86 -51.92
N LYS B 200 18.94 11.79 -52.29
CA LYS B 200 18.81 11.32 -53.67
C LYS B 200 17.83 12.25 -54.38
N ASN B 201 16.67 12.53 -53.73
CA ASN B 201 15.62 13.40 -54.26
C ASN B 201 15.93 14.88 -54.12
N GLU B 202 15.22 15.69 -54.94
CA GLU B 202 15.33 17.13 -54.98
C GLU B 202 14.81 17.77 -53.69
N ILE B 203 15.32 18.95 -53.37
CA ILE B 203 14.93 19.75 -52.23
C ILE B 203 13.95 20.81 -52.71
N THR B 204 12.85 21.00 -51.96
CA THR B 204 11.82 22.01 -52.19
C THR B 204 12.16 23.22 -51.32
N LYS B 205 12.00 24.43 -51.87
CA LYS B 205 12.36 25.64 -51.15
C LYS B 205 11.23 26.63 -51.10
N VAL B 206 11.11 27.35 -50.00
CA VAL B 206 10.10 28.39 -49.84
C VAL B 206 10.88 29.67 -49.51
N GLU B 207 10.87 30.62 -50.46
CA GLU B 207 11.54 31.91 -50.34
C GLU B 207 10.84 32.73 -49.25
N MET B 208 11.64 33.26 -48.32
CA MET B 208 11.15 34.02 -47.18
C MET B 208 11.39 35.52 -47.30
N PRO B 209 10.53 36.38 -46.70
CA PRO B 209 10.82 37.84 -46.73
C PRO B 209 12.21 38.23 -46.18
N SER B 210 12.80 37.43 -45.26
CA SER B 210 14.14 37.65 -44.70
C SER B 210 15.26 37.31 -45.69
N LYS B 211 14.92 36.61 -46.79
CA LYS B 211 15.83 36.14 -47.85
C LYS B 211 16.82 35.07 -47.38
N LYS B 212 16.60 34.52 -46.16
CA LYS B 212 17.42 33.44 -45.63
C LYS B 212 16.99 32.16 -46.33
N LYS B 213 17.88 31.18 -46.43
CA LYS B 213 17.59 29.99 -47.24
C LYS B 213 17.30 28.74 -46.42
N TYR B 214 16.73 28.92 -45.20
CA TYR B 214 16.48 27.86 -44.22
C TYR B 214 15.27 26.98 -44.48
N LEU B 215 14.23 27.52 -45.12
CA LEU B 215 13.01 26.77 -45.34
C LEU B 215 13.11 25.80 -46.51
N ARG B 216 13.76 24.68 -46.25
CA ARG B 216 14.03 23.62 -47.21
C ARG B 216 13.32 22.32 -46.80
N PHE B 217 12.55 21.76 -47.73
CA PHE B 217 11.84 20.48 -47.53
C PHE B 217 12.47 19.40 -48.38
N VAL B 218 12.30 18.14 -48.00
CA VAL B 218 12.84 16.99 -48.73
C VAL B 218 11.94 15.76 -48.59
N ASN B 219 11.56 15.17 -49.73
CA ASN B 219 10.81 13.92 -49.76
C ASN B 219 11.87 12.82 -49.76
N LEU B 220 11.89 11.96 -48.72
CA LEU B 220 12.91 10.93 -48.54
C LEU B 220 12.75 9.61 -49.30
N MET C 1 -0.47 3.87 27.04
CA MET C 1 -1.30 4.50 26.00
C MET C 1 -2.75 3.94 26.06
N GLY C 2 -3.11 3.02 25.14
CA GLY C 2 -4.44 2.40 25.10
C GLY C 2 -4.44 0.99 25.64
N TYR C 3 -3.24 0.52 26.01
CA TYR C 3 -2.91 -0.82 26.53
C TYR C 3 -3.01 -1.87 25.46
N HIS C 4 -2.71 -1.37 24.25
CA HIS C 4 -2.62 -2.19 23.05
CA HIS C 4 -2.62 -2.07 22.97
C HIS C 4 -1.13 -2.40 22.78
N LEU C 5 -0.79 -3.25 21.80
CA LEU C 5 0.62 -3.59 21.63
C LEU C 5 1.59 -2.46 21.40
N GLY C 6 2.63 -2.40 22.24
CA GLY C 6 3.66 -1.38 22.17
C GLY C 6 3.49 -0.21 23.11
N ALA C 7 2.31 -0.09 23.74
CA ALA C 7 2.02 0.94 24.74
C ALA C 7 2.84 0.67 25.97
N THR C 8 3.02 1.72 26.80
CA THR C 8 3.77 1.65 28.04
C THR C 8 2.80 1.20 29.12
N PHE C 9 3.19 0.17 29.90
CA PHE C 9 2.29 -0.29 30.98
C PHE C 9 2.45 0.75 32.09
N PRO C 10 1.35 1.33 32.59
CA PRO C 10 1.48 2.38 33.62
C PRO C 10 1.94 1.89 35.00
N ASN C 11 2.74 2.72 35.70
CA ASN C 11 3.14 2.44 37.09
C ASN C 11 1.91 2.59 37.97
N PHE C 12 1.92 1.89 39.11
CA PHE C 12 0.87 1.98 40.12
C PHE C 12 1.42 1.60 41.48
N THR C 13 0.72 2.06 42.53
CA THR C 13 0.99 1.73 43.93
C THR C 13 -0.28 1.12 44.45
N ALA C 14 -0.15 -0.01 45.16
CA ALA C 14 -1.30 -0.73 45.68
C ALA C 14 -0.92 -1.57 46.87
N LYS C 15 -1.93 -2.04 47.60
CA LYS C 15 -1.69 -2.99 48.69
C LYS C 15 -1.51 -4.35 47.99
N ALA C 16 -0.74 -5.25 48.59
CA ALA C 16 -0.52 -6.60 48.04
C ALA C 16 -0.38 -7.66 49.13
N SER C 17 -0.62 -8.94 48.76
CA SER C 17 -0.49 -10.10 49.65
C SER C 17 0.97 -10.20 50.15
N GLY C 18 1.16 -10.73 51.36
CA GLY C 18 2.48 -10.97 51.93
C GLY C 18 3.33 -9.80 52.35
N ILE C 19 2.99 -8.56 51.91
CA ILE C 19 3.71 -7.34 52.29
C ILE C 19 2.81 -6.39 53.06
N ASP C 20 3.36 -5.78 54.11
CA ASP C 20 2.60 -4.88 54.96
C ASP C 20 2.50 -3.47 54.42
N GLY C 21 3.48 -3.03 53.65
CA GLY C 21 3.47 -1.69 53.10
C GLY C 21 2.85 -1.58 51.72
N ASP C 22 3.24 -0.53 51.01
CA ASP C 22 2.79 -0.26 49.65
C ASP C 22 3.61 -1.04 48.63
N PHE C 23 2.92 -1.63 47.63
CA PHE C 23 3.58 -2.32 46.50
C PHE C 23 3.59 -1.33 45.34
N GLU C 24 4.75 -1.02 44.80
CA GLU C 24 4.90 -0.16 43.64
C GLU C 24 5.43 -1.02 42.48
N LEU C 25 4.66 -1.11 41.39
CA LEU C 25 5.01 -1.91 40.23
C LEU C 25 6.40 -1.67 39.64
N TYR C 26 6.72 -0.40 39.27
CA TYR C 26 8.02 -0.05 38.67
C TYR C 26 9.23 -0.41 39.52
N LYS C 27 9.12 -0.32 40.85
CA LYS C 27 10.22 -0.71 41.75
C LYS C 27 10.38 -2.23 41.74
N TYR C 28 9.25 -2.96 41.71
CA TYR C 28 9.29 -4.41 41.70
C TYR C 28 9.83 -5.00 40.38
N ILE C 29 9.43 -4.42 39.23
CA ILE C 29 9.81 -4.92 37.89
C ILE C 29 11.05 -4.26 37.22
N GLU C 30 11.80 -3.40 37.97
CA GLU C 30 12.98 -2.69 37.44
C GLU C 30 14.00 -3.65 36.85
N ASN C 31 14.34 -3.45 35.57
CA ASN C 31 15.28 -4.25 34.73
C ASN C 31 14.85 -5.71 34.54
N SER C 32 13.54 -5.97 34.60
CA SER C 32 12.98 -7.31 34.46
C SER C 32 11.80 -7.34 33.52
N TRP C 33 11.56 -8.51 32.94
CA TRP C 33 10.35 -8.74 32.18
C TRP C 33 9.29 -8.97 33.27
N ALA C 34 8.04 -8.70 32.97
CA ALA C 34 7.00 -8.95 33.95
C ALA C 34 5.76 -9.46 33.27
N ILE C 35 5.01 -10.31 33.97
CA ILE C 35 3.73 -10.78 33.49
C ILE C 35 2.72 -10.42 34.58
N LEU C 36 1.78 -9.51 34.26
CA LEU C 36 0.73 -9.18 35.24
C LEU C 36 -0.51 -9.98 34.83
N PHE C 37 -1.06 -10.73 35.78
CA PHE C 37 -2.23 -11.58 35.53
C PHE C 37 -3.30 -11.35 36.56
N SER C 38 -4.54 -11.17 36.10
CA SER C 38 -5.68 -10.98 37.00
C SER C 38 -6.51 -12.28 37.10
N HIS C 39 -7.38 -12.32 38.11
CA HIS C 39 -8.28 -13.44 38.30
C HIS C 39 -9.54 -12.85 38.90
N PRO C 40 -10.75 -13.37 38.59
CA PRO C 40 -11.97 -12.75 39.15
C PRO C 40 -12.11 -12.67 40.66
N ASN C 41 -12.15 -13.80 41.37
CA ASN C 41 -12.39 -13.77 42.81
C ASN C 41 -11.56 -14.77 43.56
N ASP C 42 -11.04 -14.38 44.72
CA ASP C 42 -10.36 -15.29 45.64
C ASP C 42 -11.41 -16.32 46.07
N PHE C 43 -10.98 -17.51 46.52
CA PHE C 43 -11.83 -18.61 47.01
C PHE C 43 -12.83 -19.15 45.99
N THR C 44 -12.40 -19.26 44.74
CA THR C 44 -13.19 -19.80 43.63
C THR C 44 -12.33 -20.90 42.97
N PRO C 45 -12.93 -21.95 42.37
CA PRO C 45 -12.13 -23.12 41.94
C PRO C 45 -11.12 -22.95 40.81
N VAL C 46 -11.50 -22.30 39.70
CA VAL C 46 -10.58 -22.13 38.56
C VAL C 46 -9.35 -21.33 38.99
N CSD C 47 -9.61 -20.20 39.67
CA CSD C 47 -8.62 -19.28 40.20
CB CSD C 47 -9.40 -18.30 41.17
SG CSD C 47 -10.51 -17.24 40.20
C CSD C 47 -7.59 -20.02 41.04
O CSD C 47 -6.41 -19.73 40.95
OD1 CSD C 47 -9.84 -16.88 39.03
OD2 CSD C 47 -11.51 -18.32 39.60
N THR C 48 -8.06 -20.96 41.90
CA THR C 48 -7.23 -21.76 42.80
C THR C 48 -6.30 -22.64 41.99
N THR C 49 -6.83 -23.38 40.99
CA THR C 49 -6.02 -24.23 40.12
C THR C 49 -4.96 -23.45 39.33
N GLU C 50 -5.29 -22.22 38.86
CA GLU C 50 -4.37 -21.38 38.05
C GLU C 50 -3.22 -20.89 38.90
N LEU C 51 -3.55 -20.29 40.06
CA LEU C 51 -2.56 -19.76 40.99
C LEU C 51 -1.66 -20.83 41.61
N ALA C 52 -2.21 -22.03 41.87
CA ALA C 52 -1.45 -23.19 42.36
C ALA C 52 -0.43 -23.60 41.30
N GLU C 53 -0.85 -23.61 40.02
CA GLU C 53 0.03 -23.91 38.86
C GLU C 53 1.17 -22.90 38.67
N LEU C 54 0.86 -21.60 38.70
CA LEU C 54 1.84 -20.51 38.57
C LEU C 54 2.82 -20.47 39.75
N GLY C 55 2.35 -20.87 40.95
CA GLY C 55 3.17 -20.98 42.15
C GLY C 55 4.23 -22.08 42.00
N LYS C 56 3.88 -23.18 41.30
CA LYS C 56 4.79 -24.28 40.98
C LYS C 56 5.82 -23.83 39.94
N MET C 57 5.40 -23.03 38.96
CA MET C 57 6.19 -22.58 37.83
C MET C 57 7.02 -21.33 38.15
N HIS C 58 6.82 -20.73 39.33
CA HIS C 58 7.49 -19.48 39.72
C HIS C 58 8.99 -19.39 39.43
N GLU C 59 9.77 -20.42 39.81
CA GLU C 59 11.22 -20.52 39.56
C GLU C 59 11.55 -20.52 38.05
N ASP C 60 10.71 -21.17 37.18
CA ASP C 60 10.90 -21.17 35.72
C ASP C 60 10.85 -19.75 35.17
N PHE C 61 10.00 -18.89 35.75
CA PHE C 61 9.89 -17.49 35.32
C PHE C 61 11.05 -16.66 35.85
N LEU C 62 11.32 -16.76 37.14
CA LEU C 62 12.39 -16.05 37.82
C LEU C 62 13.78 -16.30 37.21
N LYS C 63 14.06 -17.55 36.80
CA LYS C 63 15.33 -17.87 36.15
C LYS C 63 15.44 -17.25 34.75
N LEU C 64 14.29 -16.84 34.16
CA LEU C 64 14.25 -16.14 32.87
C LEU C 64 14.15 -14.65 33.12
N ASN C 65 14.46 -14.17 34.34
CA ASN C 65 14.42 -12.75 34.74
C ASN C 65 13.03 -12.12 34.48
N CYS C 66 11.98 -12.89 34.82
CA CYS C 66 10.60 -12.47 34.64
C CYS C 66 9.86 -12.52 35.94
N LYS C 67 9.25 -11.41 36.35
CA LYS C 67 8.44 -11.37 37.58
C LYS C 67 7.00 -11.73 37.27
N LEU C 68 6.29 -12.35 38.21
CA LEU C 68 4.86 -12.65 38.09
C LEU C 68 4.14 -11.82 39.12
N ILE C 69 3.09 -11.13 38.70
CA ILE C 69 2.32 -10.27 39.58
C ILE C 69 0.86 -10.61 39.40
N GLY C 70 0.24 -11.08 40.48
CA GLY C 70 -1.18 -11.39 40.54
C GLY C 70 -2.00 -10.13 40.73
N PHE C 71 -3.34 -10.22 40.61
CA PHE C 71 -4.22 -9.05 40.70
C PHE C 71 -5.71 -9.45 40.80
N SER C 72 -6.44 -8.93 41.79
CA SER C 72 -7.90 -9.10 41.86
C SER C 72 -8.51 -7.93 42.59
N CYS C 73 -9.86 -7.82 42.57
CA CYS C 73 -10.57 -6.74 43.26
C CYS C 73 -10.90 -7.07 44.72
N ASN C 74 -10.17 -8.06 45.29
CA ASN C 74 -10.31 -8.50 46.66
C ASN C 74 -9.34 -7.78 47.59
N SER C 75 -9.59 -7.86 48.89
CA SER C 75 -8.78 -7.24 49.94
C SER C 75 -7.51 -8.04 50.15
N LYS C 76 -6.54 -7.43 50.87
CA LYS C 76 -5.30 -8.08 51.26
C LYS C 76 -5.60 -9.27 52.19
N GLU C 77 -6.59 -9.10 53.10
CA GLU C 77 -7.00 -10.12 54.08
C GLU C 77 -7.57 -11.35 53.39
N SER C 78 -8.33 -11.13 52.34
CA SER C 78 -8.85 -12.20 51.50
C SER C 78 -7.67 -12.95 50.82
N HIS C 79 -6.73 -12.21 50.19
CA HIS C 79 -5.56 -12.78 49.51
C HIS C 79 -4.74 -13.69 50.43
N ASP C 80 -4.35 -13.20 51.62
CA ASP C 80 -3.55 -13.95 52.60
C ASP C 80 -4.23 -15.23 53.07
N LYS C 81 -5.54 -15.18 53.28
CA LYS C 81 -6.27 -16.37 53.74
C LYS C 81 -6.38 -17.36 52.59
N TRP C 82 -6.71 -16.87 51.39
CA TRP C 82 -6.84 -17.68 50.19
C TRP C 82 -5.52 -18.38 49.82
N ILE C 83 -4.38 -17.70 50.02
CA ILE C 83 -3.05 -18.25 49.74
C ILE C 83 -2.84 -19.63 50.41
N GLU C 84 -3.31 -19.78 51.66
CA GLU C 84 -3.25 -21.02 52.42
C GLU C 84 -4.02 -22.14 51.73
N ASP C 85 -5.14 -21.80 51.04
CA ASP C 85 -5.89 -22.77 50.25
C ASP C 85 -5.09 -23.14 48.99
N ILE C 86 -4.50 -22.12 48.30
CA ILE C 86 -3.69 -22.31 47.08
C ILE C 86 -2.50 -23.22 47.39
N LYS C 87 -1.81 -22.99 48.53
CA LYS C 87 -0.66 -23.79 48.96
C LYS C 87 -1.05 -25.22 49.24
N TYR C 88 -2.18 -25.41 49.93
CA TYR C 88 -2.70 -26.73 50.22
C TYR C 88 -3.09 -27.45 48.94
N TYR C 89 -3.88 -26.80 48.07
CA TYR C 89 -4.29 -27.43 46.81
C TYR C 89 -3.08 -27.80 45.93
N GLY C 90 -2.14 -26.88 45.78
CA GLY C 90 -0.97 -27.03 44.93
C GLY C 90 0.23 -27.76 45.51
N LYS C 91 0.15 -28.16 46.80
CA LYS C 91 1.24 -28.83 47.53
C LYS C 91 2.49 -27.91 47.54
N LEU C 92 2.25 -26.62 47.82
CA LEU C 92 3.28 -25.58 47.89
C LEU C 92 3.56 -25.30 49.35
N ASN C 93 4.80 -24.92 49.65
CA ASN C 93 5.21 -24.66 51.02
C ASN C 93 5.73 -23.24 51.18
N LYS C 94 5.81 -22.49 50.08
CA LYS C 94 6.35 -21.13 50.08
C LYS C 94 5.68 -20.30 48.96
N TRP C 95 4.82 -19.35 49.34
CA TRP C 95 4.16 -18.45 48.37
C TRP C 95 4.99 -17.18 48.18
N GLU C 96 5.30 -16.86 46.92
CA GLU C 96 6.21 -15.78 46.53
C GLU C 96 5.60 -14.74 45.56
N ILE C 97 4.50 -15.08 44.89
CA ILE C 97 3.87 -14.19 43.91
C ILE C 97 3.10 -13.07 44.59
N PRO C 98 3.47 -11.79 44.40
CA PRO C 98 2.66 -10.70 44.98
C PRO C 98 1.31 -10.62 44.25
N ILE C 99 0.23 -10.61 45.02
CA ILE C 99 -1.10 -10.49 44.47
C ILE C 99 -1.59 -9.10 44.89
N VAL C 100 -1.77 -8.23 43.91
CA VAL C 100 -2.19 -6.86 44.11
C VAL C 100 -3.69 -6.79 44.46
N CYS C 101 -4.09 -5.80 45.28
CA CYS C 101 -5.48 -5.55 45.67
C CYS C 101 -6.04 -4.37 44.92
N ASP C 102 -7.22 -4.52 44.32
CA ASP C 102 -7.87 -3.41 43.63
C ASP C 102 -9.36 -3.32 44.04
N GLU C 103 -9.59 -3.16 45.35
CA GLU C 103 -10.94 -3.10 45.92
C GLU C 103 -11.80 -1.99 45.36
N SER C 104 -11.22 -0.82 45.07
CA SER C 104 -11.94 0.33 44.50
C SER C 104 -12.29 0.19 43.01
N ARG C 105 -11.65 -0.77 42.30
CA ARG C 105 -11.74 -1.06 40.84
C ARG C 105 -11.10 0.03 40.00
N GLU C 106 -10.39 0.98 40.62
CA GLU C 106 -9.73 2.05 39.85
C GLU C 106 -8.78 1.50 38.79
N LEU C 107 -7.92 0.53 39.19
CA LEU C 107 -6.95 -0.09 38.29
C LEU C 107 -7.64 -0.98 37.24
N ALA C 108 -8.66 -1.76 37.65
CA ALA C 108 -9.41 -2.63 36.74
C ALA C 108 -10.13 -1.83 35.63
N ASN C 109 -10.61 -0.60 35.99
CA ASN C 109 -11.28 0.30 35.05
C ASN C 109 -10.29 0.95 34.11
N LYS C 110 -9.13 1.35 34.64
CA LYS C 110 -8.06 1.93 33.84
C LYS C 110 -7.48 0.89 32.85
N LEU C 111 -7.24 -0.34 33.32
CA LEU C 111 -6.67 -1.39 32.47
C LEU C 111 -7.66 -2.00 31.50
N LYS C 112 -8.96 -1.80 31.72
CA LYS C 112 -10.05 -2.34 30.89
C LYS C 112 -10.10 -3.88 30.90
N ILE C 113 -9.89 -4.46 32.10
CA ILE C 113 -9.87 -5.91 32.34
C ILE C 113 -11.10 -6.43 33.10
N MET C 114 -12.22 -5.69 33.09
CA MET C 114 -13.40 -6.16 33.81
C MET C 114 -14.05 -7.36 33.10
N ASP C 115 -14.59 -8.30 33.89
CA ASP C 115 -15.26 -9.45 33.32
C ASP C 115 -16.68 -9.02 32.87
N GLU C 116 -17.20 -9.72 31.86
CA GLU C 116 -18.53 -9.51 31.28
C GLU C 116 -19.66 -9.82 32.28
N GLN C 117 -19.51 -10.90 33.08
CA GLN C 117 -20.55 -11.44 33.98
C GLN C 117 -20.24 -11.37 35.47
N GLU C 118 -19.02 -11.79 35.84
CA GLU C 118 -18.56 -11.95 37.21
C GLU C 118 -18.69 -10.77 38.16
N LYS C 119 -19.39 -11.01 39.29
CA LYS C 119 -19.63 -10.05 40.37
C LYS C 119 -19.39 -10.71 41.73
N ASP C 120 -18.91 -9.92 42.71
CA ASP C 120 -18.68 -10.47 44.06
C ASP C 120 -19.98 -10.48 44.90
N ILE C 121 -19.88 -10.94 46.16
CA ILE C 121 -20.98 -11.01 47.11
C ILE C 121 -21.69 -9.66 47.36
N THR C 122 -20.97 -8.55 47.18
CA THR C 122 -21.48 -7.18 47.37
C THR C 122 -22.21 -6.64 46.13
N GLY C 123 -22.15 -7.39 45.02
CA GLY C 123 -22.78 -7.03 43.76
C GLY C 123 -21.89 -6.20 42.86
N LEU C 124 -20.63 -5.95 43.28
CA LEU C 124 -19.68 -5.16 42.49
C LEU C 124 -18.96 -6.02 41.45
N PRO C 125 -18.63 -5.46 40.27
CA PRO C 125 -17.98 -6.29 39.23
C PRO C 125 -16.56 -6.74 39.59
N LEU C 126 -16.09 -7.81 38.90
CA LEU C 126 -14.75 -8.37 39.10
C LEU C 126 -13.98 -8.44 37.77
N THR C 127 -12.65 -8.60 37.83
CA THR C 127 -11.82 -8.70 36.62
C THR C 127 -11.99 -10.06 35.92
N CYS C 128 -11.57 -10.12 34.64
CA CYS C 128 -11.53 -11.35 33.86
C CYS C 128 -10.13 -11.96 34.16
N ARG C 129 -9.68 -12.92 33.33
CA ARG C 129 -8.38 -13.58 33.41
C ARG C 129 -7.45 -12.91 32.38
N CYS C 130 -6.91 -11.74 32.74
CA CYS C 130 -6.03 -10.99 31.85
C CYS C 130 -4.57 -11.43 31.95
N LEU C 131 -3.80 -11.11 30.92
CA LEU C 131 -2.37 -11.30 30.92
C LEU C 131 -1.74 -10.12 30.23
N PHE C 132 -0.71 -9.52 30.84
CA PHE C 132 0.11 -8.48 30.21
C PHE C 132 1.57 -8.95 30.30
N PHE C 133 2.23 -9.15 29.14
CA PHE C 133 3.64 -9.51 29.03
C PHE C 133 4.35 -8.18 28.84
N ILE C 134 5.21 -7.82 29.80
CA ILE C 134 5.85 -6.50 29.84
C ILE C 134 7.37 -6.61 29.75
N SER C 135 7.98 -5.87 28.82
CA SER C 135 9.43 -5.91 28.62
C SER C 135 10.18 -5.14 29.74
N PRO C 136 11.54 -5.22 29.83
CA PRO C 136 12.25 -4.38 30.83
C PRO C 136 12.05 -2.87 30.59
N GLU C 137 11.55 -2.45 29.40
CA GLU C 137 11.29 -1.04 29.04
C GLU C 137 9.83 -0.63 29.25
N LYS C 138 9.07 -1.47 29.98
CA LYS C 138 7.66 -1.20 30.30
C LYS C 138 6.68 -1.26 29.13
N LYS C 139 7.11 -1.84 28.01
CA LYS C 139 6.27 -1.99 26.82
C LYS C 139 5.42 -3.25 26.89
N ILE C 140 4.16 -3.11 26.49
CA ILE C 140 3.21 -4.22 26.45
C ILE C 140 3.50 -4.98 25.14
N LYS C 141 4.10 -6.18 25.28
CA LYS C 141 4.52 -7.00 24.14
C LYS C 141 3.40 -7.89 23.64
N ALA C 142 2.57 -8.40 24.55
CA ALA C 142 1.46 -9.31 24.22
C ALA C 142 0.39 -9.22 25.27
N THR C 143 -0.87 -9.41 24.89
CA THR C 143 -2.00 -9.42 25.83
C THR C 143 -2.97 -10.54 25.55
N VAL C 144 -3.66 -10.94 26.60
CA VAL C 144 -4.70 -11.95 26.54
C VAL C 144 -5.81 -11.49 27.48
N LEU C 145 -7.07 -11.72 27.13
CA LEU C 145 -8.23 -11.48 27.98
C LEU C 145 -9.10 -12.73 27.88
N TYR C 146 -9.02 -13.63 28.88
CA TYR C 146 -9.87 -14.83 28.94
C TYR C 146 -11.02 -14.51 29.89
N PRO C 147 -12.24 -15.05 29.66
CA PRO C 147 -13.33 -14.77 30.60
C PRO C 147 -13.15 -15.60 31.87
N ALA C 148 -13.90 -15.24 32.94
CA ALA C 148 -13.93 -15.95 34.21
C ALA C 148 -14.23 -17.45 34.02
N THR C 149 -15.05 -17.81 33.00
CA THR C 149 -15.44 -19.19 32.66
C THR C 149 -14.26 -20.07 32.18
N THR C 150 -13.23 -19.45 31.59
CA THR C 150 -12.14 -20.16 30.93
C THR C 150 -10.75 -19.97 31.52
N GLY C 151 -10.28 -20.98 32.25
CA GLY C 151 -8.95 -21.02 32.82
C GLY C 151 -7.91 -20.98 31.73
N ARG C 152 -6.81 -20.28 32.01
CA ARG C 152 -5.72 -20.13 31.08
C ARG C 152 -4.87 -21.44 30.95
N ASN C 153 -4.00 -21.47 29.95
CA ASN C 153 -3.04 -22.53 29.70
C ASN C 153 -1.70 -21.98 30.25
N ALA C 154 -1.24 -22.51 31.39
CA ALA C 154 -0.02 -22.04 32.05
C ALA C 154 1.24 -22.37 31.24
N HIS C 155 1.19 -23.45 30.43
CA HIS C 155 2.30 -23.79 29.55
C HIS C 155 2.44 -22.73 28.45
N GLU C 156 1.29 -22.23 27.97
CA GLU C 156 1.25 -21.20 26.95
C GLU C 156 1.89 -19.90 27.43
N ILE C 157 1.69 -19.54 28.69
CA ILE C 157 2.28 -18.33 29.29
C ILE C 157 3.81 -18.41 29.22
N LEU C 158 4.41 -19.52 29.68
CA LEU C 158 5.86 -19.70 29.63
C LEU C 158 6.37 -19.74 28.17
N ARG C 159 5.62 -20.38 27.26
CA ARG C 159 5.97 -20.51 25.84
C ARG C 159 6.02 -19.13 25.15
N VAL C 160 5.02 -18.26 25.41
CA VAL C 160 4.97 -16.89 24.85
C VAL C 160 6.17 -16.10 25.35
N LEU C 161 6.45 -16.17 26.68
CA LEU C 161 7.58 -15.46 27.27
C LEU C 161 8.91 -15.83 26.60
N LYS C 162 9.15 -17.13 26.37
CA LYS C 162 10.37 -17.62 25.72
C LYS C 162 10.48 -17.11 24.30
N SER C 163 9.33 -17.04 23.59
CA SER C 163 9.33 -16.47 22.23
C SER C 163 9.64 -14.95 22.24
N LEU C 164 9.01 -14.20 23.16
CA LEU C 164 9.21 -12.75 23.27
C LEU C 164 10.66 -12.41 23.59
N GLN C 165 11.30 -13.18 24.48
CA GLN C 165 12.69 -12.98 24.91
C GLN C 165 13.69 -13.29 23.81
N LEU C 166 13.46 -14.38 23.05
CA LEU C 166 14.28 -14.79 21.92
C LEU C 166 14.24 -13.77 20.78
N THR C 167 13.03 -13.35 20.38
CA THR C 167 12.80 -12.41 19.28
C THR C 167 13.18 -10.97 19.65
N TYR C 168 13.35 -10.68 20.96
CA TYR C 168 13.76 -9.37 21.50
C TYR C 168 15.20 -9.05 21.08
N THR C 169 16.10 -10.07 21.10
CA THR C 169 17.54 -9.98 20.84
C THR C 169 18.03 -10.48 19.43
N THR C 170 17.32 -11.46 18.83
CA THR C 170 17.67 -12.14 17.56
C THR C 170 16.68 -11.78 16.41
N PRO C 171 17.13 -11.64 15.11
CA PRO C 171 16.18 -11.31 14.03
C PRO C 171 15.41 -12.53 13.52
N VAL C 172 14.64 -13.13 14.43
CA VAL C 172 13.79 -14.28 14.18
C VAL C 172 12.37 -14.00 14.65
N ALA C 173 11.44 -14.84 14.19
CA ALA C 173 10.04 -14.86 14.60
C ALA C 173 9.71 -16.34 14.83
N THR C 174 8.90 -16.65 15.85
CA THR C 174 8.62 -18.06 16.14
C THR C 174 7.38 -18.57 15.41
N PRO C 175 7.44 -19.70 14.69
CA PRO C 175 6.25 -20.16 13.92
C PRO C 175 5.08 -20.64 14.77
N VAL C 176 3.97 -21.08 14.11
CA VAL C 176 2.81 -21.65 14.81
C VAL C 176 3.29 -22.82 15.70
N ASN C 177 2.75 -22.95 16.94
CA ASN C 177 3.03 -24.07 17.87
C ASN C 177 4.51 -24.25 18.25
N TRP C 178 5.35 -23.21 18.08
CA TRP C 178 6.78 -23.26 18.37
C TRP C 178 7.03 -23.54 19.83
N ASN C 179 8.03 -24.38 20.12
CA ASN C 179 8.51 -24.63 21.48
C ASN C 179 10.00 -24.45 21.47
N GLU C 180 10.55 -24.04 22.60
CA GLU C 180 11.99 -23.86 22.77
C GLU C 180 12.75 -25.11 22.26
N GLY C 181 13.73 -24.87 21.39
CA GLY C 181 14.49 -25.96 20.77
C GLY C 181 14.04 -26.23 19.35
N ASP C 182 12.80 -25.84 18.98
CA ASP C 182 12.34 -26.00 17.59
C ASP C 182 12.97 -24.91 16.73
N LYS C 183 13.04 -25.15 15.42
CA LYS C 183 13.55 -24.18 14.44
C LYS C 183 12.57 -22.99 14.39
N CYS C 184 13.11 -21.79 14.22
CA CYS C 184 12.24 -20.65 14.08
C CYS C 184 12.42 -20.06 12.70
N CYS C 185 11.71 -18.95 12.42
CA CYS C 185 11.75 -18.31 11.12
C CYS C 185 12.71 -17.16 11.08
N VAL C 186 13.37 -16.96 9.95
CA VAL C 186 14.22 -15.79 9.76
C VAL C 186 13.20 -14.70 9.38
N ILE C 187 13.30 -13.49 9.98
CA ILE C 187 12.39 -12.38 9.66
C ILE C 187 12.43 -12.10 8.14
N PRO C 188 11.28 -11.82 7.48
CA PRO C 188 11.31 -11.71 6.01
C PRO C 188 12.12 -10.54 5.42
N THR C 189 12.43 -9.51 6.23
CA THR C 189 13.18 -8.33 5.79
C THR C 189 14.71 -8.50 5.84
N LEU C 190 15.19 -9.55 6.53
CA LEU C 190 16.62 -9.80 6.65
C LEU C 190 17.14 -10.31 5.32
N GLN C 191 18.03 -9.53 4.69
CA GLN C 191 18.64 -9.85 3.40
C GLN C 191 19.72 -10.93 3.54
N ASP C 192 19.91 -11.77 2.49
CA ASP C 192 20.89 -12.88 2.44
C ASP C 192 22.31 -12.51 2.86
N ASP C 193 22.71 -11.27 2.56
CA ASP C 193 24.02 -10.70 2.91
C ASP C 193 24.15 -10.51 4.44
N GLU C 194 23.04 -10.22 5.13
CA GLU C 194 23.00 -9.98 6.59
C GLU C 194 22.99 -11.24 7.45
N ILE C 195 22.67 -12.41 6.85
CA ILE C 195 22.54 -13.70 7.54
C ILE C 195 23.74 -14.17 8.37
N SER C 196 24.95 -14.21 7.78
CA SER C 196 26.18 -14.69 8.44
C SER C 196 26.50 -13.96 9.74
N LYS C 197 26.33 -12.63 9.78
CA LYS C 197 26.55 -11.77 10.96
C LYS C 197 25.73 -12.25 12.18
N HIS C 198 24.45 -12.60 11.95
CA HIS C 198 23.49 -13.01 12.99
C HIS C 198 23.43 -14.51 13.29
N PHE C 199 23.61 -15.37 12.28
CA PHE C 199 23.47 -16.82 12.47
C PHE C 199 24.72 -17.68 12.26
N LYS C 200 25.05 -18.49 13.29
CA LYS C 200 26.17 -19.44 13.30
C LYS C 200 25.78 -20.67 12.48
N ASN C 201 24.52 -21.13 12.61
CA ASN C 201 23.99 -22.30 11.91
C ASN C 201 23.38 -21.97 10.57
N GLU C 202 23.32 -22.99 9.71
CA GLU C 202 22.79 -22.95 8.35
C GLU C 202 21.26 -22.75 8.33
N ILE C 203 20.83 -21.90 7.39
CA ILE C 203 19.44 -21.58 7.10
C ILE C 203 18.90 -22.62 6.14
N THR C 204 17.64 -23.04 6.33
CA THR C 204 16.94 -23.95 5.43
C THR C 204 15.90 -23.14 4.66
N LYS C 205 15.99 -23.17 3.34
CA LYS C 205 15.09 -22.45 2.46
C LYS C 205 14.07 -23.42 1.90
N VAL C 206 12.77 -23.08 1.96
CA VAL C 206 11.68 -23.90 1.41
C VAL C 206 11.06 -23.11 0.25
N GLU C 207 11.20 -23.65 -0.96
CA GLU C 207 10.72 -23.04 -2.19
C GLU C 207 9.19 -23.01 -2.23
N MET C 208 8.64 -21.85 -2.60
CA MET C 208 7.19 -21.62 -2.64
C MET C 208 6.68 -21.48 -4.08
N PRO C 209 5.40 -21.83 -4.39
CA PRO C 209 4.90 -21.60 -5.77
C PRO C 209 5.10 -20.16 -6.30
N SER C 210 5.05 -19.14 -5.41
CA SER C 210 5.21 -17.73 -5.75
C SER C 210 6.67 -17.37 -6.07
N LYS C 211 7.62 -18.28 -5.77
CA LYS C 211 9.06 -18.10 -5.99
C LYS C 211 9.67 -17.02 -5.13
N LYS C 212 8.92 -16.51 -4.14
CA LYS C 212 9.44 -15.54 -3.17
C LYS C 212 10.30 -16.32 -2.19
N LYS C 213 11.29 -15.68 -1.60
CA LYS C 213 12.30 -16.35 -0.77
C LYS C 213 12.13 -16.23 0.75
N TYR C 214 10.91 -15.86 1.19
CA TYR C 214 10.54 -15.62 2.60
C TYR C 214 10.49 -16.86 3.50
N LEU C 215 10.28 -18.06 2.96
CA LEU C 215 10.15 -19.25 3.80
C LEU C 215 11.48 -19.83 4.21
N ARG C 216 12.06 -19.23 5.25
CA ARG C 216 13.39 -19.60 5.76
C ARG C 216 13.35 -19.95 7.23
N PHE C 217 13.92 -21.11 7.56
CA PHE C 217 14.02 -21.61 8.92
C PHE C 217 15.45 -21.64 9.38
N VAL C 218 15.63 -21.51 10.69
CA VAL C 218 16.93 -21.55 11.32
C VAL C 218 16.86 -22.29 12.64
N ASN C 219 17.86 -23.15 12.88
CA ASN C 219 18.00 -23.88 14.13
C ASN C 219 19.09 -23.13 14.91
N LEU C 220 18.70 -22.43 15.98
CA LEU C 220 19.63 -21.62 16.78
C LEU C 220 20.43 -22.44 17.81
N GLY D 2 13.26 21.02 -12.48
CA GLY D 2 12.59 20.80 -11.21
C GLY D 2 11.13 21.20 -11.18
N TYR D 3 10.51 21.34 -12.37
CA TYR D 3 9.11 21.73 -12.57
C TYR D 3 8.29 20.57 -13.10
N HIS D 4 7.89 19.74 -12.13
CA HIS D 4 7.09 18.54 -12.38
CA HIS D 4 7.11 18.51 -12.30
C HIS D 4 5.63 18.80 -12.06
N LEU D 5 4.77 17.78 -12.27
CA LEU D 5 3.32 17.92 -12.11
C LEU D 5 2.84 18.37 -10.75
N GLY D 6 2.04 19.44 -10.75
CA GLY D 6 1.48 20.01 -9.54
C GLY D 6 2.28 21.18 -9.02
N ALA D 7 3.56 21.28 -9.39
CA ALA D 7 4.41 22.41 -8.96
C ALA D 7 3.85 23.73 -9.52
N THR D 8 4.16 24.85 -8.84
CA THR D 8 3.73 26.19 -9.26
C THR D 8 4.72 26.70 -10.31
N PHE D 9 4.24 27.14 -11.48
CA PHE D 9 5.13 27.67 -12.51
C PHE D 9 5.63 29.05 -12.04
N PRO D 10 6.96 29.28 -12.00
CA PRO D 10 7.46 30.56 -11.46
C PRO D 10 7.20 31.76 -12.36
N ASN D 11 6.97 32.90 -11.72
CA ASN D 11 6.78 34.18 -12.40
C ASN D 11 8.13 34.61 -12.92
N PHE D 12 8.14 35.39 -14.01
CA PHE D 12 9.36 35.93 -14.58
C PHE D 12 9.04 37.19 -15.36
N THR D 13 10.06 38.04 -15.49
CA THR D 13 10.03 39.30 -16.23
C THR D 13 11.08 39.14 -17.32
N ALA D 14 10.69 39.30 -18.56
CA ALA D 14 11.62 39.19 -19.69
C ALA D 14 11.21 40.16 -20.79
N LYS D 15 12.06 40.31 -21.82
CA LYS D 15 11.71 41.06 -23.00
C LYS D 15 10.94 40.05 -23.86
N ALA D 16 10.08 40.53 -24.75
CA ALA D 16 9.30 39.69 -25.63
C ALA D 16 9.05 40.38 -26.97
N SER D 17 8.72 39.61 -28.00
CA SER D 17 8.39 40.10 -29.32
C SER D 17 7.15 41.04 -29.26
N GLY D 18 7.12 42.06 -30.13
CA GLY D 18 6.00 42.99 -30.29
C GLY D 18 5.68 43.96 -29.15
N ILE D 19 6.31 43.76 -27.97
CA ILE D 19 6.17 44.56 -26.74
C ILE D 19 7.46 45.40 -26.57
N ASP D 20 7.34 46.71 -26.31
CA ASP D 20 8.54 47.56 -26.13
C ASP D 20 9.07 47.53 -24.69
N GLY D 21 8.17 47.27 -23.73
CA GLY D 21 8.56 47.16 -22.34
C GLY D 21 8.80 45.73 -21.86
N ASP D 22 8.71 45.56 -20.54
CA ASP D 22 8.91 44.28 -19.90
C ASP D 22 7.66 43.41 -19.94
N PHE D 23 7.84 42.11 -20.21
CA PHE D 23 6.77 41.13 -20.20
C PHE D 23 6.86 40.41 -18.86
N GLU D 24 5.77 40.47 -18.08
CA GLU D 24 5.69 39.79 -16.80
C GLU D 24 4.67 38.67 -16.99
N LEU D 25 5.09 37.41 -16.76
CA LEU D 25 4.23 36.24 -16.96
C LEU D 25 2.87 36.28 -16.24
N TYR D 26 2.89 36.45 -14.91
CA TYR D 26 1.71 36.45 -14.03
C TYR D 26 0.68 37.51 -14.40
N LYS D 27 1.13 38.70 -14.87
CA LYS D 27 0.23 39.77 -15.28
C LYS D 27 -0.48 39.41 -16.58
N TYR D 28 0.25 38.75 -17.48
CA TYR D 28 -0.32 38.35 -18.77
C TYR D 28 -1.28 37.15 -18.67
N ILE D 29 -1.04 36.22 -17.72
CA ILE D 29 -1.82 34.98 -17.59
C ILE D 29 -2.83 34.97 -16.42
N GLU D 30 -3.07 36.15 -15.81
CA GLU D 30 -4.00 36.30 -14.67
C GLU D 30 -5.41 35.81 -15.03
N ASN D 31 -5.96 34.88 -14.20
CA ASN D 31 -7.29 34.26 -14.33
C ASN D 31 -7.44 33.47 -15.64
N SER D 32 -6.31 33.03 -16.20
CA SER D 32 -6.27 32.31 -17.46
C SER D 32 -5.46 31.06 -17.40
N TRP D 33 -5.80 30.12 -18.30
CA TRP D 33 -4.99 28.94 -18.52
C TRP D 33 -3.84 29.49 -19.39
N ALA D 34 -2.73 28.77 -19.46
CA ALA D 34 -1.60 29.22 -20.27
C ALA D 34 -0.80 28.07 -20.76
N ILE D 35 -0.28 28.21 -21.98
CA ILE D 35 0.65 27.23 -22.54
C ILE D 35 1.91 27.96 -22.93
N LEU D 36 3.00 27.68 -22.21
CA LEU D 36 4.31 28.22 -22.52
C LEU D 36 5.02 27.14 -23.37
N PHE D 37 5.45 27.51 -24.56
CA PHE D 37 6.12 26.61 -25.48
C PHE D 37 7.43 27.25 -25.94
N SER D 38 8.50 26.45 -26.00
CA SER D 38 9.81 26.93 -26.44
C SER D 38 10.12 26.36 -27.81
N HIS D 39 11.15 26.92 -28.46
CA HIS D 39 11.65 26.41 -29.73
C HIS D 39 13.14 26.71 -29.76
N PRO D 40 13.98 25.85 -30.39
CA PRO D 40 15.43 26.13 -30.39
C PRO D 40 15.91 27.47 -30.99
N ASN D 41 15.69 27.69 -32.29
CA ASN D 41 16.23 28.87 -32.96
C ASN D 41 15.26 29.51 -33.93
N ASP D 42 15.23 30.85 -33.97
CA ASP D 42 14.42 31.61 -34.93
C ASP D 42 15.06 31.36 -36.28
N PHE D 43 14.34 31.63 -37.38
CA PHE D 43 14.86 31.43 -38.74
C PHE D 43 15.31 29.99 -39.04
N THR D 44 14.55 28.99 -38.53
CA THR D 44 14.81 27.56 -38.79
C THR D 44 13.53 26.89 -39.29
N PRO D 45 13.61 25.83 -40.14
CA PRO D 45 12.37 25.31 -40.78
C PRO D 45 11.25 24.77 -39.90
N VAL D 46 11.56 23.80 -39.02
CA VAL D 46 10.56 23.15 -38.14
C VAL D 46 9.90 24.19 -37.24
N CSD D 47 10.71 25.09 -36.65
CA CSD D 47 10.25 26.18 -35.79
CB CSD D 47 11.50 27.07 -35.46
SG CSD D 47 12.73 26.20 -34.42
C CSD D 47 9.24 27.08 -36.52
O CSD D 47 8.23 27.46 -35.93
OD1 CSD D 47 12.01 25.48 -33.55
OD2 CSD D 47 13.21 25.03 -35.35
N THR D 48 9.49 27.39 -37.80
CA THR D 48 8.59 28.22 -38.60
C THR D 48 7.23 27.52 -38.79
N THR D 49 7.25 26.22 -39.17
CA THR D 49 6.01 25.42 -39.35
C THR D 49 5.17 25.40 -38.08
N GLU D 50 5.81 25.14 -36.90
CA GLU D 50 5.10 25.10 -35.59
C GLU D 50 4.49 26.43 -35.24
N LEU D 51 5.29 27.48 -35.38
CA LEU D 51 4.82 28.83 -35.05
C LEU D 51 3.72 29.34 -35.95
N ALA D 52 3.77 29.01 -37.25
CA ALA D 52 2.74 29.40 -38.23
C ALA D 52 1.45 28.66 -37.87
N GLU D 53 1.57 27.35 -37.49
CA GLU D 53 0.46 26.50 -37.05
C GLU D 53 -0.19 27.03 -35.78
N LEU D 54 0.62 27.38 -34.75
CA LEU D 54 0.09 27.95 -33.50
C LEU D 54 -0.50 29.34 -33.71
N GLY D 55 0.03 30.08 -34.70
CA GLY D 55 -0.51 31.38 -35.10
C GLY D 55 -1.93 31.21 -35.62
N LYS D 56 -2.14 30.25 -36.56
CA LYS D 56 -3.46 29.89 -37.12
C LYS D 56 -4.46 29.46 -36.04
N MET D 57 -4.00 28.69 -35.03
CA MET D 57 -4.83 28.18 -33.93
C MET D 57 -4.97 29.13 -32.77
N HIS D 58 -4.30 30.30 -32.78
CA HIS D 58 -4.30 31.24 -31.63
C HIS D 58 -5.67 31.59 -31.08
N GLU D 59 -6.62 31.94 -31.97
CA GLU D 59 -7.98 32.32 -31.55
C GLU D 59 -8.72 31.17 -30.89
N ASP D 60 -8.47 29.91 -31.34
CA ASP D 60 -9.03 28.67 -30.77
C ASP D 60 -8.65 28.54 -29.29
N PHE D 61 -7.40 28.90 -28.94
CA PHE D 61 -6.91 28.82 -27.56
C PHE D 61 -7.48 29.95 -26.71
N LEU D 62 -7.54 31.17 -27.26
CA LEU D 62 -8.08 32.35 -26.56
C LEU D 62 -9.56 32.19 -26.21
N LYS D 63 -10.33 31.53 -27.09
CA LYS D 63 -11.77 31.23 -26.88
C LYS D 63 -11.93 30.27 -25.70
N LEU D 64 -10.91 29.42 -25.43
CA LEU D 64 -10.89 28.49 -24.31
C LEU D 64 -10.22 29.09 -23.07
N ASN D 65 -10.11 30.44 -23.02
CA ASN D 65 -9.50 31.20 -21.93
C ASN D 65 -8.03 30.76 -21.67
N CYS D 66 -7.33 30.42 -22.76
CA CYS D 66 -5.95 29.95 -22.69
C CYS D 66 -4.99 30.81 -23.51
N LYS D 67 -3.99 31.38 -22.83
CA LYS D 67 -2.97 32.21 -23.48
C LYS D 67 -1.82 31.35 -23.98
N LEU D 68 -1.28 31.71 -25.16
CA LEU D 68 -0.11 31.04 -25.74
C LEU D 68 1.09 31.95 -25.58
N ILE D 69 2.22 31.41 -25.09
CA ILE D 69 3.47 32.16 -24.84
C ILE D 69 4.65 31.40 -25.42
N GLY D 70 5.32 32.01 -26.40
CA GLY D 70 6.50 31.47 -27.05
C GLY D 70 7.73 31.72 -26.21
N PHE D 71 8.87 31.08 -26.58
CA PHE D 71 10.11 31.20 -25.83
C PHE D 71 11.30 30.68 -26.61
N SER D 72 12.38 31.46 -26.68
CA SER D 72 13.65 30.99 -27.26
C SER D 72 14.80 31.79 -26.70
N CYS D 73 16.03 31.31 -26.93
CA CYS D 73 17.21 32.01 -26.43
C CYS D 73 17.72 33.10 -27.39
N ASN D 74 16.84 33.60 -28.28
CA ASN D 74 17.12 34.63 -29.27
C ASN D 74 16.75 36.00 -28.76
N SER D 75 17.24 37.05 -29.44
CA SER D 75 16.95 38.44 -29.09
C SER D 75 15.58 38.82 -29.62
N LYS D 76 15.04 39.94 -29.12
CA LYS D 76 13.79 40.54 -29.57
C LYS D 76 13.88 40.93 -31.05
N GLU D 77 15.06 41.40 -31.51
CA GLU D 77 15.28 41.82 -32.90
C GLU D 77 15.17 40.64 -33.84
N SER D 78 15.72 39.49 -33.41
CA SER D 78 15.61 38.23 -34.14
C SER D 78 14.11 37.84 -34.21
N HIS D 79 13.40 37.86 -33.06
CA HIS D 79 11.99 37.52 -32.95
C HIS D 79 11.14 38.36 -33.92
N ASP D 80 11.20 39.71 -33.79
CA ASP D 80 10.44 40.66 -34.61
C ASP D 80 10.61 40.47 -36.13
N LYS D 81 11.85 40.19 -36.57
CA LYS D 81 12.13 39.95 -37.98
C LYS D 81 11.59 38.58 -38.42
N TRP D 82 11.83 37.53 -37.62
CA TRP D 82 11.37 36.17 -37.90
C TRP D 82 9.84 36.04 -37.97
N ILE D 83 9.13 36.88 -37.21
CA ILE D 83 7.67 36.93 -37.19
C ILE D 83 7.14 37.25 -38.60
N GLU D 84 7.86 38.11 -39.35
CA GLU D 84 7.53 38.50 -40.73
C GLU D 84 7.60 37.32 -41.67
N ASP D 85 8.55 36.39 -41.44
CA ASP D 85 8.66 35.15 -42.21
C ASP D 85 7.48 34.19 -41.84
N ILE D 86 7.20 34.06 -40.51
CA ILE D 86 6.14 33.20 -39.97
C ILE D 86 4.78 33.59 -40.61
N LYS D 87 4.47 34.89 -40.58
CA LYS D 87 3.25 35.50 -41.11
C LYS D 87 3.13 35.22 -42.61
N TYR D 88 4.24 35.32 -43.34
CA TYR D 88 4.23 35.05 -44.77
C TYR D 88 3.99 33.58 -45.04
N TYR D 89 4.72 32.68 -44.33
CA TYR D 89 4.60 31.23 -44.49
C TYR D 89 3.21 30.71 -44.13
N GLY D 90 2.66 31.21 -43.03
CA GLY D 90 1.35 30.78 -42.55
C GLY D 90 0.20 31.55 -43.11
N LYS D 91 0.47 32.51 -44.02
CA LYS D 91 -0.53 33.39 -44.63
C LYS D 91 -1.36 34.08 -43.54
N LEU D 92 -0.66 34.60 -42.50
CA LEU D 92 -1.27 35.27 -41.35
C LEU D 92 -1.28 36.78 -41.55
N ASN D 93 -2.39 37.43 -41.15
CA ASN D 93 -2.54 38.89 -41.29
C ASN D 93 -2.03 39.59 -40.04
N LYS D 94 -2.18 38.92 -38.87
CA LYS D 94 -1.76 39.40 -37.57
C LYS D 94 -0.89 38.35 -36.83
N TRP D 95 -0.09 38.81 -35.84
CA TRP D 95 0.72 37.97 -34.98
C TRP D 95 0.57 38.55 -33.58
N GLU D 96 -0.07 37.80 -32.68
CA GLU D 96 -0.37 38.27 -31.33
C GLU D 96 0.20 37.41 -30.20
N ILE D 97 0.94 36.36 -30.53
CA ILE D 97 1.57 35.52 -29.51
C ILE D 97 2.86 36.20 -29.03
N PRO D 98 2.99 36.56 -27.74
CA PRO D 98 4.29 37.07 -27.27
C PRO D 98 5.32 35.94 -27.23
N ILE D 99 6.51 36.18 -27.82
CA ILE D 99 7.63 35.22 -27.81
C ILE D 99 8.67 35.82 -26.89
N VAL D 100 8.92 35.18 -25.75
CA VAL D 100 9.88 35.72 -24.79
C VAL D 100 11.34 35.52 -25.20
N CYS D 101 12.25 36.38 -24.68
CA CYS D 101 13.69 36.35 -24.98
C CYS D 101 14.45 35.88 -23.76
N ASP D 102 15.34 34.89 -23.96
CA ASP D 102 16.18 34.38 -22.88
C ASP D 102 17.62 34.24 -23.37
N GLU D 103 18.15 35.34 -23.95
CA GLU D 103 19.52 35.37 -24.50
C GLU D 103 20.56 34.94 -23.50
N SER D 104 20.37 35.27 -22.23
CA SER D 104 21.32 34.93 -21.19
C SER D 104 21.28 33.48 -20.75
N ARG D 105 20.20 32.75 -21.14
CA ARG D 105 19.97 31.32 -20.82
C ARG D 105 19.58 31.11 -19.38
N GLU D 106 19.33 32.20 -18.61
CA GLU D 106 18.95 32.03 -17.20
C GLU D 106 17.62 31.33 -16.99
N LEU D 107 16.59 31.63 -17.80
CA LEU D 107 15.30 30.97 -17.67
C LEU D 107 15.32 29.54 -18.17
N ALA D 108 16.05 29.29 -19.27
CA ALA D 108 16.16 27.96 -19.87
C ALA D 108 16.83 26.98 -18.90
N ASN D 109 17.82 27.49 -18.13
CA ASN D 109 18.54 26.74 -17.11
C ASN D 109 17.65 26.47 -15.91
N LYS D 110 16.91 27.50 -15.44
CA LYS D 110 15.99 27.37 -14.31
C LYS D 110 14.86 26.37 -14.62
N LEU D 111 14.25 26.48 -15.83
CA LEU D 111 13.18 25.59 -16.29
C LEU D 111 13.66 24.20 -16.75
N LYS D 112 14.98 24.02 -16.95
CA LYS D 112 15.61 22.76 -17.40
C LYS D 112 15.10 22.28 -18.79
N ILE D 113 14.97 23.25 -19.72
CA ILE D 113 14.47 23.01 -21.07
C ILE D 113 15.53 23.08 -22.16
N MET D 114 16.82 22.98 -21.80
CA MET D 114 17.89 23.03 -22.80
C MET D 114 17.88 21.78 -23.68
N ASP D 115 18.15 21.96 -24.97
CA ASP D 115 18.21 20.86 -25.92
C ASP D 115 19.53 20.08 -25.73
N GLU D 116 19.50 18.78 -26.05
CA GLU D 116 20.64 17.89 -25.98
C GLU D 116 21.77 18.26 -26.98
N GLN D 117 21.41 18.67 -28.22
CA GLN D 117 22.35 18.91 -29.32
C GLN D 117 22.46 20.36 -29.72
N GLU D 118 21.30 21.00 -29.99
CA GLU D 118 21.15 22.34 -30.53
C GLU D 118 21.93 23.48 -29.88
N LYS D 119 22.72 24.15 -30.72
CA LYS D 119 23.53 25.32 -30.36
C LYS D 119 23.40 26.37 -31.47
N ASP D 120 23.47 27.67 -31.09
CA ASP D 120 23.42 28.79 -32.04
C ASP D 120 24.81 29.08 -32.63
N ILE D 121 24.89 30.06 -33.57
CA ILE D 121 26.09 30.50 -34.28
C ILE D 121 27.24 30.93 -33.36
N THR D 122 26.91 31.35 -32.13
CA THR D 122 27.91 31.81 -31.16
C THR D 122 28.54 30.65 -30.35
N GLY D 123 28.00 29.42 -30.54
CA GLY D 123 28.41 28.20 -29.84
C GLY D 123 27.65 27.96 -28.54
N LEU D 124 26.64 28.79 -28.26
CA LEU D 124 25.86 28.65 -27.03
C LEU D 124 24.65 27.70 -27.18
N PRO D 125 24.26 26.97 -26.11
CA PRO D 125 23.12 26.04 -26.23
C PRO D 125 21.76 26.74 -26.40
N LEU D 126 20.81 26.01 -27.00
CA LEU D 126 19.43 26.47 -27.23
C LEU D 126 18.44 25.51 -26.55
N THR D 127 17.21 25.96 -26.39
CA THR D 127 16.16 25.16 -25.77
C THR D 127 15.66 24.07 -26.70
N CYS D 128 14.97 23.06 -26.14
CA CYS D 128 14.28 22.00 -26.88
C CYS D 128 12.87 22.55 -27.21
N ARG D 129 11.93 21.68 -27.59
CA ARG D 129 10.55 22.04 -27.89
C ARG D 129 9.70 21.66 -26.66
N CYS D 130 9.69 22.53 -25.63
CA CYS D 130 8.96 22.30 -24.39
C CYS D 130 7.51 22.73 -24.48
N LEU D 131 6.69 22.23 -23.55
CA LEU D 131 5.29 22.62 -23.36
C LEU D 131 5.05 22.56 -21.88
N PHE D 132 4.47 23.62 -21.31
CA PHE D 132 4.04 23.67 -19.91
C PHE D 132 2.57 24.11 -19.97
N PHE D 133 1.67 23.24 -19.51
CA PHE D 133 0.23 23.49 -19.44
C PHE D 133 -0.03 24.01 -18.03
N ILE D 134 -0.38 25.31 -17.92
CA ILE D 134 -0.54 26.01 -16.65
C ILE D 134 -2.00 26.39 -16.39
N SER D 135 -2.49 26.08 -15.19
CA SER D 135 -3.86 26.35 -14.76
C SER D 135 -4.02 27.82 -14.35
N PRO D 136 -5.26 28.35 -14.17
CA PRO D 136 -5.40 29.74 -13.68
C PRO D 136 -4.81 29.94 -12.27
N GLU D 137 -4.53 28.86 -11.53
CA GLU D 137 -3.88 28.88 -10.21
C GLU D 137 -2.37 28.67 -10.28
N LYS D 138 -1.79 28.75 -11.50
CA LYS D 138 -0.34 28.63 -11.77
C LYS D 138 0.28 27.25 -11.56
N LYS D 139 -0.56 26.19 -11.55
CA LYS D 139 -0.07 24.81 -11.38
C LYS D 139 0.26 24.18 -12.72
N ILE D 140 1.36 23.43 -12.76
CA ILE D 140 1.77 22.71 -13.96
C ILE D 140 0.95 21.42 -14.00
N LYS D 141 0.03 21.34 -14.96
CA LYS D 141 -0.87 20.20 -15.12
C LYS D 141 -0.30 19.10 -16.02
N ALA D 142 0.49 19.50 -17.04
CA ALA D 142 1.09 18.59 -18.01
C ALA D 142 2.32 19.22 -18.59
N THR D 143 3.29 18.39 -18.99
CA THR D 143 4.53 18.85 -19.61
C THR D 143 4.93 17.88 -20.70
N VAL D 144 5.69 18.41 -21.64
CA VAL D 144 6.25 17.66 -22.75
C VAL D 144 7.64 18.28 -23.00
N LEU D 145 8.64 17.43 -23.29
CA LEU D 145 9.95 17.88 -23.75
C LEU D 145 10.26 17.12 -25.06
N TYR D 146 10.03 17.76 -26.23
CA TYR D 146 10.40 17.15 -27.53
C TYR D 146 11.74 17.72 -27.94
N PRO D 147 12.63 16.93 -28.58
CA PRO D 147 13.92 17.49 -29.02
C PRO D 147 13.77 18.41 -30.24
N ALA D 148 14.84 19.17 -30.55
CA ALA D 148 14.91 20.06 -31.73
C ALA D 148 14.64 19.31 -33.05
N THR D 149 15.00 18.01 -33.10
CA THR D 149 14.79 17.12 -34.27
C THR D 149 13.32 16.79 -34.56
N THR D 150 12.43 16.94 -33.56
CA THR D 150 11.04 16.47 -33.63
C THR D 150 9.97 17.53 -33.34
N GLY D 151 9.35 18.01 -34.40
CA GLY D 151 8.24 18.95 -34.32
C GLY D 151 7.07 18.36 -33.57
N ARG D 152 6.39 19.20 -32.80
CA ARG D 152 5.28 18.78 -31.98
C ARG D 152 4.01 18.55 -32.82
N ASN D 153 2.97 17.97 -32.21
CA ASN D 153 1.69 17.78 -32.84
C ASN D 153 0.81 18.89 -32.27
N ALA D 154 0.45 19.86 -33.11
CA ALA D 154 -0.36 20.99 -32.68
C ALA D 154 -1.82 20.60 -32.33
N HIS D 155 -2.36 19.54 -32.95
CA HIS D 155 -3.72 19.04 -32.61
C HIS D 155 -3.73 18.45 -31.19
N GLU D 156 -2.63 17.75 -30.83
CA GLU D 156 -2.42 17.16 -29.51
C GLU D 156 -2.39 18.21 -28.41
N ILE D 157 -1.78 19.38 -28.68
CA ILE D 157 -1.74 20.49 -27.72
C ILE D 157 -3.16 20.92 -27.36
N LEU D 158 -4.04 21.11 -28.37
CA LEU D 158 -5.42 21.53 -28.11
C LEU D 158 -6.24 20.43 -27.44
N ARG D 159 -6.06 19.17 -27.87
CA ARG D 159 -6.75 17.99 -27.32
C ARG D 159 -6.47 17.90 -25.82
N VAL D 160 -5.18 18.01 -25.41
CA VAL D 160 -4.73 17.99 -24.00
C VAL D 160 -5.36 19.12 -23.23
N LEU D 161 -5.36 20.34 -23.78
CA LEU D 161 -5.98 21.48 -23.10
C LEU D 161 -7.45 21.22 -22.75
N LYS D 162 -8.21 20.68 -23.73
CA LYS D 162 -9.65 20.36 -23.58
C LYS D 162 -9.87 19.29 -22.49
N SER D 163 -9.00 18.26 -22.44
CA SER D 163 -9.07 17.23 -21.40
C SER D 163 -8.78 17.84 -20.04
N LEU D 164 -7.73 18.69 -19.93
CA LEU D 164 -7.38 19.36 -18.66
C LEU D 164 -8.49 20.26 -18.19
N GLN D 165 -9.15 20.96 -19.11
CA GLN D 165 -10.25 21.87 -18.72
C GLN D 165 -11.54 21.10 -18.34
N LEU D 166 -11.82 19.98 -19.02
CA LEU D 166 -12.99 19.17 -18.72
C LEU D 166 -12.84 18.49 -17.37
N THR D 167 -11.69 17.81 -17.15
CA THR D 167 -11.40 17.06 -15.92
C THR D 167 -11.22 17.96 -14.70
N TYR D 168 -10.93 19.23 -14.93
CA TYR D 168 -10.72 20.25 -13.89
C TYR D 168 -12.00 20.54 -13.13
N THR D 169 -13.16 20.52 -13.83
CA THR D 169 -14.47 20.85 -13.27
C THR D 169 -15.38 19.64 -13.03
N THR D 170 -15.27 18.59 -13.87
CA THR D 170 -16.10 17.40 -13.86
C THR D 170 -15.36 16.15 -13.35
N PRO D 171 -15.97 15.32 -12.48
CA PRO D 171 -15.28 14.12 -11.97
C PRO D 171 -15.16 12.99 -13.01
N VAL D 172 -14.44 13.28 -14.10
CA VAL D 172 -14.16 12.33 -15.19
C VAL D 172 -12.67 12.34 -15.48
N ALA D 173 -12.23 11.38 -16.28
CA ALA D 173 -10.86 11.25 -16.77
C ALA D 173 -11.02 10.85 -18.24
N THR D 174 -10.14 11.35 -19.11
CA THR D 174 -10.29 11.07 -20.55
C THR D 174 -9.54 9.84 -20.99
N PRO D 175 -10.19 8.88 -21.67
CA PRO D 175 -9.48 7.65 -22.09
C PRO D 175 -8.42 7.87 -23.18
N VAL D 176 -7.67 6.80 -23.52
CA VAL D 176 -6.70 6.83 -24.60
C VAL D 176 -7.35 7.39 -25.89
N ASN D 177 -6.61 8.24 -26.64
CA ASN D 177 -7.05 8.82 -27.91
C ASN D 177 -8.35 9.65 -27.86
N TRP D 178 -8.79 10.08 -26.67
CA TRP D 178 -10.04 10.86 -26.50
C TRP D 178 -10.04 12.18 -27.26
N ASN D 179 -11.16 12.51 -27.88
CA ASN D 179 -11.39 13.82 -28.49
C ASN D 179 -12.72 14.31 -27.96
N GLU D 180 -12.88 15.63 -27.92
CA GLU D 180 -14.11 16.29 -27.49
C GLU D 180 -15.34 15.64 -28.18
N GLY D 181 -16.37 15.35 -27.40
CA GLY D 181 -17.57 14.70 -27.93
C GLY D 181 -17.55 13.20 -27.80
N ASP D 182 -16.38 12.59 -27.56
CA ASP D 182 -16.26 11.14 -27.32
C ASP D 182 -16.65 10.88 -25.85
N LYS D 183 -17.04 9.63 -25.57
CA LYS D 183 -17.39 9.24 -24.19
C LYS D 183 -16.10 9.23 -23.33
N CYS D 184 -16.23 9.67 -22.08
CA CYS D 184 -15.07 9.63 -21.20
C CYS D 184 -15.33 8.72 -20.01
N CYS D 185 -14.33 8.56 -19.14
CA CYS D 185 -14.42 7.65 -18.02
C CYS D 185 -14.84 8.31 -16.73
N VAL D 186 -15.70 7.62 -15.95
CA VAL D 186 -16.12 8.09 -14.63
C VAL D 186 -14.91 7.79 -13.72
N ILE D 187 -14.49 8.75 -12.88
CA ILE D 187 -13.33 8.50 -12.01
C ILE D 187 -13.57 7.24 -11.13
N PRO D 188 -12.59 6.33 -10.99
CA PRO D 188 -12.84 5.07 -10.25
C PRO D 188 -13.30 5.21 -8.80
N THR D 189 -13.03 6.36 -8.17
CA THR D 189 -13.41 6.63 -6.77
C THR D 189 -14.83 7.15 -6.62
N LEU D 190 -15.43 7.69 -7.69
CA LEU D 190 -16.80 8.21 -7.64
C LEU D 190 -17.79 7.07 -7.48
N GLN D 191 -18.36 6.97 -6.27
CA GLN D 191 -19.34 5.97 -5.85
C GLN D 191 -20.68 6.15 -6.59
N ASP D 192 -21.40 5.03 -6.84
CA ASP D 192 -22.70 4.96 -7.52
C ASP D 192 -23.81 5.87 -6.96
N ASP D 193 -23.68 6.30 -5.69
CA ASP D 193 -24.61 7.22 -5.03
C ASP D 193 -24.44 8.64 -5.59
N GLU D 194 -23.16 9.11 -5.71
CA GLU D 194 -22.76 10.44 -6.17
C GLU D 194 -22.94 10.68 -7.68
N ILE D 195 -23.14 9.61 -8.47
CA ILE D 195 -23.28 9.65 -9.93
C ILE D 195 -24.37 10.59 -10.47
N SER D 196 -25.55 10.61 -9.84
CA SER D 196 -26.70 11.44 -10.25
C SER D 196 -26.45 12.92 -9.98
N LYS D 197 -25.72 13.24 -8.88
CA LYS D 197 -25.35 14.60 -8.47
C LYS D 197 -24.48 15.31 -9.51
N HIS D 198 -23.61 14.53 -10.21
CA HIS D 198 -22.66 15.02 -11.19
C HIS D 198 -23.08 14.89 -12.66
N PHE D 199 -23.70 13.75 -13.04
CA PHE D 199 -24.09 13.49 -14.43
C PHE D 199 -25.58 13.44 -14.69
N LYS D 200 -25.98 13.97 -15.86
CA LYS D 200 -27.36 14.00 -16.33
C LYS D 200 -27.65 12.74 -17.16
N ASN D 201 -26.71 12.35 -18.05
CA ASN D 201 -26.84 11.16 -18.90
C ASN D 201 -26.42 9.88 -18.17
N GLU D 202 -26.87 8.73 -18.71
CA GLU D 202 -26.62 7.41 -18.14
C GLU D 202 -25.20 6.90 -18.35
N ILE D 203 -24.75 6.11 -17.37
CA ILE D 203 -23.42 5.50 -17.34
C ILE D 203 -23.50 4.12 -18.01
N THR D 204 -22.43 3.75 -18.71
CA THR D 204 -22.29 2.45 -19.36
C THR D 204 -21.19 1.69 -18.61
N LYS D 205 -21.55 0.55 -18.04
CA LYS D 205 -20.66 -0.29 -17.25
C LYS D 205 -20.21 -1.48 -18.06
N VAL D 206 -18.90 -1.70 -18.14
CA VAL D 206 -18.34 -2.83 -18.89
C VAL D 206 -17.79 -3.84 -17.87
N GLU D 207 -18.38 -5.05 -17.88
CA GLU D 207 -18.04 -6.15 -16.99
C GLU D 207 -16.69 -6.72 -17.30
N MET D 208 -15.81 -6.80 -16.27
CA MET D 208 -14.45 -7.30 -16.42
C MET D 208 -14.28 -8.67 -15.78
N PRO D 209 -13.31 -9.52 -16.23
CA PRO D 209 -13.10 -10.83 -15.57
C PRO D 209 -12.89 -10.73 -14.05
N SER D 210 -12.31 -9.60 -13.56
CA SER D 210 -12.03 -9.34 -12.14
C SER D 210 -13.29 -9.02 -11.34
N LYS D 211 -14.41 -8.73 -12.05
CA LYS D 211 -15.71 -8.38 -11.49
C LYS D 211 -15.72 -7.04 -10.78
N LYS D 212 -14.62 -6.28 -10.88
CA LYS D 212 -14.52 -4.94 -10.30
C LYS D 212 -15.32 -4.01 -11.21
N LYS D 213 -15.92 -2.98 -10.63
CA LYS D 213 -16.85 -2.10 -11.32
C LYS D 213 -16.26 -0.77 -11.79
N TYR D 214 -14.95 -0.76 -12.11
CA TYR D 214 -14.20 0.45 -12.49
C TYR D 214 -14.41 0.95 -13.94
N LEU D 215 -14.68 0.04 -14.88
CA LEU D 215 -14.85 0.42 -16.28
C LEU D 215 -16.22 1.02 -16.59
N ARG D 216 -16.36 2.32 -16.27
CA ARG D 216 -17.56 3.09 -16.44
C ARG D 216 -17.32 4.24 -17.42
N PHE D 217 -18.18 4.33 -18.45
CA PHE D 217 -18.13 5.34 -19.48
C PHE D 217 -19.33 6.22 -19.37
N VAL D 218 -19.18 7.48 -19.81
CA VAL D 218 -20.25 8.46 -19.79
C VAL D 218 -20.11 9.49 -20.92
N ASN D 219 -21.25 9.85 -21.54
CA ASN D 219 -21.34 10.90 -22.56
C ASN D 219 -21.96 12.13 -21.89
N LEU D 220 -21.24 13.25 -21.92
CA LEU D 220 -21.65 14.47 -21.24
C LEU D 220 -22.42 15.46 -22.12
S SO4 E . -7.69 -30.67 1.88
O1 SO4 E . -6.31 -31.04 1.51
O2 SO4 E . -8.09 -29.48 1.13
O3 SO4 E . -8.60 -31.81 1.56
O4 SO4 E . -7.78 -30.37 3.34
S SO4 F . -18.82 -21.25 52.02
O1 SO4 F . -18.33 -20.06 52.76
O2 SO4 F . -18.50 -22.48 52.78
O3 SO4 F . -20.29 -21.16 51.85
O4 SO4 F . -18.17 -21.32 50.69
C1 GOL G . 7.25 -12.71 9.89
O1 GOL G . 6.62 -13.97 9.75
C2 GOL G . 6.76 -11.82 11.07
O2 GOL G . 5.58 -11.11 10.71
C3 GOL G . 7.73 -10.69 11.35
O3 GOL G . 8.94 -11.23 11.82
C1 EDO H . 2.21 -25.68 21.07
O1 EDO H . 1.59 -26.88 20.60
C2 EDO H . 2.68 -25.86 22.51
O2 EDO H . 3.23 -27.17 22.68
C1 EDO I . -8.19 -5.55 21.18
O1 EDO I . -9.17 -4.52 21.03
C2 EDO I . -8.75 -6.68 22.05
O2 EDO I . -8.04 -6.76 23.30
C1 EDO J . -22.08 -2.24 7.72
O1 EDO J . -21.64 -3.58 7.99
C2 EDO J . -21.36 -1.73 6.48
O2 EDO J . -19.95 -1.94 6.62
C1 EDO K . 9.38 2.27 2.67
O1 EDO K . 9.05 2.95 1.46
C2 EDO K . 9.83 3.29 3.71
O2 EDO K . 8.81 4.28 3.92
C1 EDO L . -7.68 -29.13 54.46
O1 EDO L . -6.60 -28.67 55.27
C2 EDO L . -8.76 -29.73 55.36
O2 EDO L . -8.99 -31.08 54.98
C1 EDO M . 6.31 -27.81 2.89
O1 EDO M . 5.38 -28.68 3.56
C2 EDO M . 6.92 -28.52 1.68
O2 EDO M . 5.94 -29.32 1.04
S SO4 N . 21.20 32.39 -44.90
O1 SO4 N . 22.52 31.74 -44.87
O2 SO4 N . 21.38 33.85 -44.88
O3 SO4 N . 20.50 31.98 -46.12
O4 SO4 N . 20.42 31.97 -43.72
C1 GOL O . -7.93 9.37 -12.95
O1 GOL O . -9.25 9.65 -12.52
C2 GOL O . -7.80 7.86 -12.98
O2 GOL O . -6.41 7.52 -13.16
C3 GOL O . -8.80 7.15 -13.99
O3 GOL O . -8.24 5.96 -14.62
C1 EDO P . 8.86 36.35 -49.77
O1 EDO P . 8.36 37.63 -49.39
C2 EDO P . 9.08 36.31 -51.28
O2 EDO P . 7.85 36.65 -51.91
C1 EDO Q . -3.10 12.07 -33.44
O1 EDO Q . -3.36 13.37 -34.04
C2 EDO Q . -1.94 11.33 -34.08
O2 EDO Q . -0.62 11.67 -33.60
C1 EDO R . 24.24 8.26 -32.39
O1 EDO R . 23.33 9.11 -33.09
C2 EDO R . 24.79 7.17 -33.31
O2 EDO R . 23.91 6.95 -34.43
S SO4 S . 11.40 -12.05 -2.94
O1 SO4 S . 12.77 -11.53 -3.13
O2 SO4 S . 10.94 -12.64 -4.20
O3 SO4 S . 11.44 -13.07 -1.90
O4 SO4 S . 10.50 -10.97 -2.53
C1 GOL T . -16.91 -19.41 37.71
O1 GOL T . -16.94 -18.66 36.53
C2 GOL T . -15.59 -19.11 38.45
O2 GOL T . -14.85 -17.92 38.02
C3 GOL T . -14.74 -20.40 38.62
O3 GOL T . -13.66 -20.10 39.44
C1 EDO U . -2.36 -17.68 26.98
O1 EDO U . -3.09 -17.86 25.75
C2 EDO U . -3.21 -18.06 28.19
O2 EDO U . -3.63 -19.42 28.08
C1 EDO V . -2.50 -27.30 28.30
O1 EDO V . -2.11 -28.49 28.99
C2 EDO V . -3.55 -27.64 27.27
O2 EDO V . -3.09 -28.76 26.50
C1 EDO W . 6.79 -25.02 -5.00
O1 EDO W . 6.09 -24.96 -6.25
C2 EDO W . 8.18 -25.58 -5.22
O2 EDO W . 8.08 -26.86 -5.87
C1 EDO X . 15.35 -8.26 16.81
O1 EDO X . 15.24 -8.13 15.38
C2 EDO X . 16.61 -7.55 17.28
O2 EDO X . 17.77 -8.25 16.82
C1 EDO Y . 7.83 -2.39 46.82
O1 EDO Y . 7.24 -1.64 45.75
C2 EDO Y . 8.00 -3.83 46.36
O2 EDO Y . 8.60 -3.79 45.06
C1 EDO Z . 12.53 -28.12 14.62
O1 EDO Z . 11.15 -28.42 14.33
C2 EDO Z . 13.45 -29.26 14.20
O2 EDO Z . 13.03 -29.81 12.93
S SO4 AA . -15.14 -2.89 -7.01
O1 SO4 AA . -14.77 -2.14 -8.21
O2 SO4 AA . -16.05 -4.00 -7.37
O3 SO4 AA . -13.93 -3.45 -6.39
O4 SO4 AA . -15.85 -2.01 -6.05
C1 GOL BA . 15.37 22.35 -37.50
O1 GOL BA . 14.38 23.41 -37.57
C2 GOL BA . 15.88 21.98 -36.05
O2 GOL BA . 15.82 23.00 -35.05
C3 GOL BA . 17.30 21.46 -36.02
O3 GOL BA . 17.29 20.14 -36.60
C1 EDO CA . -17.50 -10.64 -18.68
O1 EDO CA . -18.30 -11.38 -17.77
C2 EDO CA . -16.07 -10.62 -18.17
O2 EDO CA . -15.55 -11.95 -18.09
C1 EDO DA . 30.81 29.53 -26.76
O1 EDO DA . 31.03 29.26 -25.36
C2 EDO DA . 32.15 29.81 -27.43
O2 EDO DA . 32.47 28.72 -28.30
C1 EDO EA . 32.56 29.40 -32.94
O1 EDO EA . 33.19 30.00 -31.80
C2 EDO EA . 31.22 28.81 -32.49
O2 EDO EA . 31.47 27.72 -31.59
C1 EDO FA . -1.11 15.34 -36.41
O1 EDO FA . -1.76 15.64 -37.65
C2 EDO FA . -0.27 14.08 -36.54
O2 EDO FA . -1.12 13.00 -36.92
C1 EDO GA . -6.33 11.64 -32.21
O1 EDO GA . -6.93 12.65 -31.40
C2 EDO GA . -6.03 10.41 -31.38
O2 EDO GA . -6.85 9.34 -31.86
C1 EDO HA . -13.61 18.01 -10.06
O1 EDO HA . -14.81 17.28 -10.31
C2 EDO HA . -12.44 17.27 -10.72
O2 EDO HA . -12.36 15.91 -10.27
#